data_8WA8
#
_entry.id   8WA8
#
_cell.length_a   114.500
_cell.length_b   86.400
_cell.length_c   73.400
_cell.angle_alpha   90.000
_cell.angle_beta   125.500
_cell.angle_gamma   90.000
#
_symmetry.space_group_name_H-M   'C 1 2 1'
#
loop_
_entity.id
_entity.type
_entity.pdbx_description
1 polymer Transketolase
2 non-polymer 'CALCIUM ION'
3 non-polymer 'THIAMINE DIPHOSPHATE'
4 non-polymer 'PHOSPHITE ION'
5 non-polymer 1,2-ETHANEDIOL
6 water water
#
_entity_poly.entity_id   1
_entity_poly.type   'polypeptide(L)'
_entity_poly.pdbx_seq_one_letter_code
;MESYHKPDQQKLQALKDTANRLRISSIQATTAAGSGHPTSCCSAAEIMAVLFFHTMRYKSQDPRNPHNDRFVLSKGHAAP
ILYAVWAEAGFLAEAELLNLRKISSDLDGHPVPKQAFTDVATGSLGQGLGAACGMAYTGKYFDKASYRVYCLLGDGELSE
GSVWEAMAFASIYKLDNLVAILDINRLGQSDPAPLQHQMDIYQKRCEAFGWHAIIVDGHSVEELCKAFGQAKHQPTAIIA
KTFKGRGITGVEDKESWHGKPLPKNMAEQIIQEIYSQIQSKKKILATPPQEDAPSVDIANIRMPSLPSYKVGDKIATRKA
YGQALAKLGHASDRIIALDGDTKNSTFSEIFKKEHPDRFIECYIAEQNMVSIAVGCATRNRTVPFCSTFAAFFTRAFDQI
RMAAISESNINLCGSHCGVSIGEDGPSQMALEDLAMFRSVPTSTVFYPSDGVATEKAVELAANTKGICFIRTSRPENAII
YNNNEDFQVGQAKVVLKSKDDQVTVIGAGVTLHEALAAAELLKKEKINIRVLDPFTIKPLDRKLILDSARATKGRILTVE
DHYYEGGIGEAVSSAVVGEPGITVTHLAVNRVPRSGKPAELLKMFGIDRDAIAQAVRGLITKALVPRGSLEHHHHHH
;
_entity_poly.pdbx_strand_id   A
#
loop_
_chem_comp.id
_chem_comp.type
_chem_comp.name
_chem_comp.formula
CA non-polymer 'CALCIUM ION' 'Ca 2'
EDO non-polymer 1,2-ETHANEDIOL 'C2 H6 O2'
PO3 non-polymer 'PHOSPHITE ION' 'O3 P -3'
TPP non-polymer 'THIAMINE DIPHOSPHATE' 'C12 H19 N4 O7 P2 S 1'
#
# COMPACT_ATOMS: atom_id res chain seq x y z
N GLU A 2 3.05 -28.84 16.36
CA GLU A 2 3.97 -29.77 16.99
C GLU A 2 4.21 -29.37 18.44
N SER A 3 4.79 -30.30 19.22
CA SER A 3 5.10 -30.02 20.61
C SER A 3 6.16 -28.92 20.71
N TYR A 4 6.03 -28.09 21.73
CA TYR A 4 7.10 -27.17 22.07
C TYR A 4 8.33 -27.97 22.45
N HIS A 5 9.48 -27.59 21.91
CA HIS A 5 10.75 -28.20 22.31
C HIS A 5 11.35 -27.31 23.39
N LYS A 6 11.28 -27.76 24.63
CA LYS A 6 11.81 -26.96 25.74
C LYS A 6 13.33 -26.94 25.67
N PRO A 7 13.96 -25.80 25.40
CA PRO A 7 15.40 -25.79 25.14
C PRO A 7 16.20 -26.14 26.39
N ASP A 8 17.29 -26.89 26.19
CA ASP A 8 18.22 -27.13 27.27
C ASP A 8 19.15 -25.92 27.46
N GLN A 9 20.01 -26.01 28.47
CA GLN A 9 20.89 -24.89 28.79
C GLN A 9 21.84 -24.60 27.64
N GLN A 10 22.28 -25.64 26.92
CA GLN A 10 23.19 -25.44 25.80
C GLN A 10 22.49 -24.72 24.64
N LYS A 11 21.24 -25.07 24.35
CA LYS A 11 20.50 -24.34 23.33
C LYS A 11 20.25 -22.90 23.75
N LEU A 12 19.89 -22.70 25.02
CA LEU A 12 19.73 -21.34 25.53
C LEU A 12 21.01 -20.54 25.41
N GLN A 13 22.15 -21.16 25.73
CA GLN A 13 23.42 -20.44 25.59
C GLN A 13 23.72 -20.14 24.13
N ALA A 14 23.41 -21.08 23.23
CA ALA A 14 23.58 -20.83 21.80
C ALA A 14 22.73 -19.66 21.33
N LEU A 15 21.52 -19.53 21.88
CA LEU A 15 20.67 -18.40 21.50
C LEU A 15 21.25 -17.09 22.03
N LYS A 16 21.83 -17.11 23.22
CA LYS A 16 22.53 -15.92 23.73
C LYS A 16 23.72 -15.58 22.85
N ASP A 17 24.53 -16.60 22.49
CA ASP A 17 25.65 -16.38 21.60
C ASP A 17 25.18 -15.80 20.26
N THR A 18 24.07 -16.30 19.74
CA THR A 18 23.52 -15.76 18.50
C THR A 18 23.14 -14.29 18.64
N ALA A 19 22.44 -13.96 19.72
CA ALA A 19 22.06 -12.56 19.94
C ALA A 19 23.28 -11.66 19.99
N ASN A 20 24.36 -12.13 20.63
CA ASN A 20 25.57 -11.31 20.70
C ASN A 20 26.29 -11.21 19.37
N ARG A 21 26.28 -12.29 18.57
CA ARG A 21 26.78 -12.17 17.20
C ARG A 21 25.99 -11.15 16.41
N LEU A 22 24.67 -11.13 16.62
CA LEU A 22 23.84 -10.17 15.91
C LEU A 22 24.17 -8.73 16.30
N ARG A 23 24.43 -8.50 17.59
CA ARG A 23 24.89 -7.18 18.03
C ARG A 23 26.18 -6.78 17.32
N ILE A 24 27.16 -7.68 17.33
CA ILE A 24 28.44 -7.38 16.71
C ILE A 24 28.27 -7.01 15.24
N SER A 25 27.48 -7.79 14.51
N SER A 25 27.48 -7.80 14.50
CA SER A 25 27.28 -7.52 13.09
CA SER A 25 27.26 -7.53 13.09
C SER A 25 26.59 -6.18 12.86
C SER A 25 26.61 -6.17 12.88
N SER A 26 25.60 -5.84 13.69
CA SER A 26 24.92 -4.56 13.56
C SER A 26 25.88 -3.40 13.79
N ILE A 27 26.76 -3.53 14.79
CA ILE A 27 27.75 -2.49 15.05
C ILE A 27 28.77 -2.42 13.91
N GLN A 28 29.29 -3.58 13.50
CA GLN A 28 30.28 -3.61 12.43
C GLN A 28 29.73 -2.96 11.16
N ALA A 29 28.49 -3.28 10.81
CA ALA A 29 27.93 -2.81 9.55
C ALA A 29 27.68 -1.31 9.57
N THR A 30 27.10 -0.80 10.66
CA THR A 30 26.80 0.62 10.75
C THR A 30 28.06 1.47 10.93
N THR A 31 29.07 0.95 11.64
CA THR A 31 30.34 1.67 11.71
C THR A 31 31.02 1.73 10.33
N ALA A 32 30.97 0.62 9.58
CA ALA A 32 31.53 0.62 8.24
C ALA A 32 30.78 1.58 7.31
N ALA A 33 29.45 1.60 7.41
CA ALA A 33 28.65 2.50 6.59
C ALA A 33 28.81 3.96 7.01
N GLY A 34 29.09 4.20 8.29
CA GLY A 34 29.08 5.56 8.80
C GLY A 34 27.72 6.10 9.12
N SER A 35 26.69 5.27 9.08
CA SER A 35 25.32 5.67 9.40
C SER A 35 24.54 4.41 9.75
N GLY A 36 23.37 4.61 10.34
CA GLY A 36 22.54 3.50 10.77
C GLY A 36 22.22 3.60 12.24
N HIS A 37 21.61 2.53 12.75
CA HIS A 37 20.93 2.57 14.05
C HIS A 37 21.32 1.38 14.92
N PRO A 38 22.60 1.25 15.28
CA PRO A 38 22.99 0.09 16.09
C PRO A 38 22.27 -0.02 17.44
N THR A 39 21.95 1.10 18.09
CA THR A 39 21.30 0.95 19.39
C THR A 39 19.88 0.39 19.24
N SER A 40 19.24 0.64 18.09
CA SER A 40 17.91 0.08 17.82
C SER A 40 17.99 -1.40 17.46
N CYS A 41 19.09 -1.83 16.86
CA CYS A 41 19.29 -3.26 16.64
C CYS A 41 19.54 -3.97 17.97
N CYS A 42 20.33 -3.34 18.84
CA CYS A 42 20.81 -4.02 20.03
C CYS A 42 19.69 -4.34 21.00
N SER A 43 18.66 -3.49 21.09
CA SER A 43 17.56 -3.80 21.99
C SER A 43 16.77 -5.02 21.54
N ALA A 44 16.86 -5.38 20.26
CA ALA A 44 16.07 -6.45 19.68
C ALA A 44 16.84 -7.74 19.49
N ALA A 45 18.10 -7.82 19.95
CA ALA A 45 18.98 -8.93 19.56
C ALA A 45 18.48 -10.28 20.08
N GLU A 46 18.04 -10.34 21.35
CA GLU A 46 17.52 -11.61 21.86
C GLU A 46 16.21 -11.99 21.18
N ILE A 47 15.33 -11.00 20.95
CA ILE A 47 14.08 -11.26 20.21
C ILE A 47 14.39 -11.89 18.86
N MET A 48 15.33 -11.29 18.12
CA MET A 48 15.65 -11.79 16.79
C MET A 48 16.28 -13.17 16.84
N ALA A 49 17.16 -13.43 17.81
CA ALA A 49 17.78 -14.74 17.92
C ALA A 49 16.73 -15.82 18.19
N VAL A 50 15.82 -15.55 19.12
CA VAL A 50 14.81 -16.55 19.48
C VAL A 50 13.82 -16.77 18.34
N LEU A 51 13.38 -15.68 17.69
CA LEU A 51 12.48 -15.84 16.55
C LEU A 51 13.10 -16.70 15.46
N PHE A 52 14.30 -16.34 15.01
CA PHE A 52 14.84 -16.98 13.83
C PHE A 52 15.46 -18.35 14.11
N PHE A 53 15.86 -18.62 15.36
CA PHE A 53 16.61 -19.83 15.64
C PHE A 53 15.96 -20.69 16.71
N HIS A 54 14.69 -20.45 17.00
CA HIS A 54 13.95 -21.34 17.88
C HIS A 54 12.47 -21.41 17.50
N THR A 55 11.84 -20.24 17.31
CA THR A 55 10.39 -20.17 17.18
C THR A 55 9.89 -20.35 15.76
N MET A 56 10.45 -19.60 14.82
N MET A 56 10.45 -19.60 14.80
CA MET A 56 9.92 -19.57 13.46
CA MET A 56 9.89 -19.57 13.46
C MET A 56 10.27 -20.85 12.71
C MET A 56 10.32 -20.77 12.63
N ARG A 57 9.46 -21.15 11.69
CA ARG A 57 9.70 -22.26 10.79
C ARG A 57 9.76 -21.69 9.37
N TYR A 58 10.88 -21.90 8.68
CA TYR A 58 11.08 -21.31 7.36
C TYR A 58 12.23 -22.03 6.66
N LYS A 59 12.25 -21.93 5.34
CA LYS A 59 13.33 -22.44 4.53
C LYS A 59 14.41 -21.37 4.45
N SER A 60 15.58 -21.66 5.02
CA SER A 60 16.62 -20.65 5.10
C SER A 60 17.19 -20.30 3.73
N GLN A 61 17.14 -21.25 2.79
CA GLN A 61 17.63 -21.00 1.45
C GLN A 61 16.55 -20.54 0.48
N ASP A 62 15.31 -20.41 0.94
CA ASP A 62 14.19 -19.96 0.09
C ASP A 62 13.29 -19.06 0.94
N PRO A 63 13.74 -17.83 1.22
CA PRO A 63 12.97 -16.94 2.11
C PRO A 63 11.57 -16.63 1.63
N ARG A 64 11.33 -16.61 0.32
CA ARG A 64 10.00 -16.28 -0.18
C ARG A 64 9.06 -17.47 -0.27
N ASN A 65 9.49 -18.65 0.21
CA ASN A 65 8.70 -19.85 0.06
C ASN A 65 7.30 -19.67 0.66
N PRO A 66 6.23 -20.08 -0.03
CA PRO A 66 4.88 -19.81 0.47
C PRO A 66 4.52 -20.54 1.75
N HIS A 67 5.31 -21.54 2.16
CA HIS A 67 5.03 -22.29 3.38
C HIS A 67 5.66 -21.66 4.62
N ASN A 68 6.56 -20.69 4.44
CA ASN A 68 7.32 -20.13 5.54
C ASN A 68 6.44 -19.31 6.48
N ASP A 69 6.79 -19.35 7.76
CA ASP A 69 6.35 -18.30 8.67
C ASP A 69 6.80 -16.95 8.11
N ARG A 70 6.03 -15.91 8.38
CA ARG A 70 6.33 -14.56 7.94
C ARG A 70 6.91 -13.76 9.10
N PHE A 71 7.91 -12.92 8.80
CA PHE A 71 8.41 -11.95 9.76
C PHE A 71 8.39 -10.57 9.12
N VAL A 72 7.81 -9.61 9.82
CA VAL A 72 7.74 -8.22 9.38
C VAL A 72 8.50 -7.37 10.38
N LEU A 73 9.54 -6.68 9.91
CA LEU A 73 10.31 -5.77 10.75
C LEU A 73 9.64 -4.40 10.65
N SER A 74 8.67 -4.14 11.54
CA SER A 74 7.96 -2.87 11.45
C SER A 74 8.90 -1.71 11.78
N LYS A 75 9.81 -1.89 12.73
CA LYS A 75 10.82 -0.87 13.05
C LYS A 75 11.99 -1.04 12.07
N GLY A 76 11.77 -0.57 10.84
CA GLY A 76 12.62 -0.89 9.71
C GLY A 76 14.03 -0.38 9.81
N HIS A 77 14.26 0.66 10.61
CA HIS A 77 15.62 1.17 10.80
C HIS A 77 16.53 0.18 11.53
N ALA A 78 15.97 -0.90 12.08
CA ALA A 78 16.74 -2.02 12.59
C ALA A 78 17.19 -2.99 11.50
N ALA A 79 17.15 -2.55 10.24
CA ALA A 79 17.54 -3.41 9.12
C ALA A 79 18.85 -4.16 9.30
N PRO A 80 19.92 -3.57 9.86
CA PRO A 80 21.18 -4.33 9.98
C PRO A 80 21.03 -5.62 10.74
N ILE A 81 20.15 -5.69 11.74
CA ILE A 81 19.99 -6.94 12.47
C ILE A 81 19.17 -7.95 11.68
N LEU A 82 18.25 -7.48 10.83
CA LEU A 82 17.57 -8.37 9.90
C LEU A 82 18.55 -8.99 8.93
N TYR A 83 19.43 -8.16 8.35
CA TYR A 83 20.43 -8.71 7.45
C TYR A 83 21.32 -9.71 8.19
N ALA A 84 21.70 -9.38 9.43
CA ALA A 84 22.55 -10.27 10.22
C ALA A 84 21.90 -11.64 10.44
N VAL A 85 20.60 -11.67 10.76
CA VAL A 85 19.96 -12.98 10.99
C VAL A 85 19.95 -13.81 9.71
N TRP A 86 19.79 -13.18 8.55
CA TRP A 86 19.78 -13.94 7.31
C TRP A 86 21.16 -14.42 6.92
N ALA A 87 22.21 -13.72 7.37
CA ALA A 87 23.56 -14.26 7.26
C ALA A 87 23.78 -15.40 8.25
N GLU A 88 23.29 -15.24 9.48
CA GLU A 88 23.41 -16.31 10.47
C GLU A 88 22.68 -17.56 10.01
N ALA A 89 21.53 -17.39 9.33
CA ALA A 89 20.78 -18.54 8.81
C ALA A 89 21.40 -19.15 7.57
N GLY A 90 22.41 -18.50 6.98
CA GLY A 90 23.11 -19.06 5.85
C GLY A 90 22.62 -18.62 4.48
N PHE A 91 21.72 -17.65 4.41
CA PHE A 91 21.23 -17.22 3.12
C PHE A 91 22.11 -16.10 2.54
N LEU A 92 22.54 -15.19 3.40
CA LEU A 92 23.36 -14.05 3.02
C LEU A 92 24.81 -14.36 3.34
N ALA A 93 25.72 -13.95 2.46
CA ALA A 93 27.14 -14.06 2.76
C ALA A 93 27.50 -13.09 3.89
N GLU A 94 28.32 -13.58 4.82
CA GLU A 94 28.66 -12.78 5.99
C GLU A 94 29.42 -11.51 5.60
N ALA A 95 30.29 -11.60 4.59
CA ALA A 95 31.07 -10.44 4.18
C ALA A 95 30.18 -9.32 3.64
N GLU A 96 29.03 -9.66 3.06
CA GLU A 96 28.18 -8.65 2.44
C GLU A 96 27.58 -7.70 3.47
N LEU A 97 27.49 -8.13 4.73
CA LEU A 97 26.92 -7.27 5.76
C LEU A 97 27.69 -5.95 5.88
N LEU A 98 29.00 -5.98 5.65
CA LEU A 98 29.81 -4.78 5.77
C LEU A 98 29.55 -3.78 4.65
N ASN A 99 28.78 -4.14 3.63
CA ASN A 99 28.46 -3.26 2.53
C ASN A 99 27.11 -2.56 2.70
N LEU A 100 26.58 -2.59 3.93
CA LEU A 100 25.35 -1.88 4.28
C LEU A 100 25.36 -0.46 3.75
N ARG A 101 24.26 -0.08 3.10
CA ARG A 101 23.98 1.28 2.64
C ARG A 101 24.83 1.73 1.45
N LYS A 102 25.67 0.86 0.89
CA LYS A 102 26.47 1.21 -0.29
C LYS A 102 25.63 1.12 -1.55
N ILE A 103 25.95 1.99 -2.52
CA ILE A 103 25.26 1.96 -3.80
C ILE A 103 25.54 0.67 -4.57
N SER A 104 26.59 -0.05 -4.19
CA SER A 104 26.95 -1.31 -4.82
C SER A 104 26.27 -2.51 -4.17
N SER A 105 25.43 -2.29 -3.17
CA SER A 105 24.84 -3.36 -2.38
C SER A 105 23.33 -3.24 -2.41
N ASP A 106 22.66 -4.36 -2.12
CA ASP A 106 21.22 -4.36 -1.94
C ASP A 106 20.81 -4.36 -0.46
N LEU A 107 21.78 -4.25 0.45
CA LEU A 107 21.49 -4.14 1.89
C LEU A 107 21.26 -2.67 2.24
N ASP A 108 20.12 -2.16 1.81
CA ASP A 108 19.85 -0.74 1.89
C ASP A 108 19.50 -0.31 3.33
N GLY A 109 19.37 1.00 3.52
CA GLY A 109 19.21 1.53 4.87
C GLY A 109 17.98 1.02 5.60
N HIS A 110 16.91 0.74 4.87
CA HIS A 110 15.71 0.10 5.40
C HIS A 110 15.35 -1.05 4.47
N PRO A 111 14.62 -2.06 4.96
CA PRO A 111 14.37 -3.25 4.13
C PRO A 111 13.48 -2.93 2.94
N VAL A 112 13.74 -3.59 1.82
CA VAL A 112 13.03 -3.39 0.57
C VAL A 112 12.91 -4.72 -0.18
N PRO A 113 11.88 -4.93 -0.98
CA PRO A 113 11.61 -6.27 -1.55
C PRO A 113 12.58 -6.73 -2.64
N LYS A 114 13.57 -5.92 -3.06
CA LYS A 114 14.65 -6.49 -3.85
C LYS A 114 15.43 -7.52 -3.05
N GLN A 115 15.29 -7.51 -1.72
CA GLN A 115 15.83 -8.55 -0.85
C GLN A 115 14.83 -9.70 -0.79
N ALA A 116 15.31 -10.93 -1.02
CA ALA A 116 14.41 -12.07 -1.07
C ALA A 116 13.69 -12.29 0.25
N PHE A 117 14.29 -11.84 1.35
CA PHE A 117 13.74 -12.05 2.68
C PHE A 117 12.81 -10.93 3.14
N THR A 118 12.52 -9.97 2.27
CA THR A 118 11.65 -8.84 2.60
C THR A 118 10.42 -8.88 1.72
N ASP A 119 9.25 -8.88 2.33
CA ASP A 119 7.99 -8.86 1.59
C ASP A 119 7.46 -7.45 1.42
N VAL A 120 7.53 -6.64 2.46
CA VAL A 120 7.06 -5.26 2.43
C VAL A 120 8.19 -4.35 2.89
N ALA A 121 8.35 -3.24 2.19
CA ALA A 121 9.26 -2.20 2.65
C ALA A 121 8.70 -1.56 3.91
N THR A 122 9.57 -1.35 4.88
CA THR A 122 9.24 -0.55 6.05
C THR A 122 10.23 0.60 6.15
N GLY A 123 10.05 1.45 7.15
CA GLY A 123 10.85 2.65 7.21
C GLY A 123 9.95 3.81 7.59
N SER A 124 8.71 3.78 7.11
CA SER A 124 7.68 4.66 7.64
C SER A 124 6.99 3.91 8.77
N LEU A 125 7.21 4.38 10.00
CA LEU A 125 6.82 3.62 11.18
C LEU A 125 5.29 3.45 11.25
N GLY A 126 4.89 2.35 11.88
CA GLY A 126 3.49 2.14 12.18
C GLY A 126 2.70 1.40 11.12
N GLN A 127 3.35 0.92 10.06
CA GLN A 127 2.67 0.26 8.96
C GLN A 127 2.87 -1.25 8.92
N GLY A 128 3.93 -1.76 9.55
CA GLY A 128 4.24 -3.17 9.42
C GLY A 128 3.16 -4.08 9.97
N LEU A 129 2.52 -3.68 11.08
CA LEU A 129 1.53 -4.56 11.70
C LEU A 129 0.32 -4.75 10.80
N GLY A 130 -0.07 -3.70 10.09
CA GLY A 130 -1.18 -3.83 9.15
C GLY A 130 -0.86 -4.79 8.02
N ALA A 131 0.35 -4.68 7.45
CA ALA A 131 0.77 -5.67 6.46
C ALA A 131 0.75 -7.08 7.06
N ALA A 132 1.24 -7.22 8.29
CA ALA A 132 1.25 -8.52 8.95
C ALA A 132 -0.17 -9.06 9.15
N CYS A 133 -1.12 -8.17 9.45
CA CYS A 133 -2.51 -8.61 9.55
C CYS A 133 -3.02 -9.16 8.22
N GLY A 134 -2.63 -8.53 7.10
CA GLY A 134 -3.03 -9.06 5.82
C GLY A 134 -2.44 -10.43 5.56
N MET A 135 -1.16 -10.61 5.91
CA MET A 135 -0.54 -11.92 5.78
C MET A 135 -1.23 -12.97 6.65
N ALA A 136 -1.58 -12.60 7.88
CA ALA A 136 -2.19 -13.56 8.79
C ALA A 136 -3.62 -13.87 8.40
N TYR A 137 -4.38 -12.87 7.98
CA TYR A 137 -5.71 -13.10 7.45
C TYR A 137 -5.67 -14.04 6.24
N THR A 138 -4.74 -13.81 5.33
CA THR A 138 -4.57 -14.71 4.19
C THR A 138 -4.25 -16.14 4.65
N GLY A 139 -3.32 -16.27 5.58
CA GLY A 139 -2.94 -17.60 6.05
C GLY A 139 -4.08 -18.35 6.70
N LYS A 140 -4.88 -17.66 7.51
CA LYS A 140 -5.96 -18.35 8.22
C LYS A 140 -7.16 -18.61 7.33
N TYR A 141 -7.53 -17.65 6.49
CA TYR A 141 -8.81 -17.70 5.79
C TYR A 141 -8.74 -17.99 4.31
N PHE A 142 -7.62 -17.68 3.65
CA PHE A 142 -7.47 -17.90 2.21
C PHE A 142 -6.56 -19.09 1.91
N ASP A 143 -5.29 -19.01 2.31
CA ASP A 143 -4.40 -20.16 2.20
C ASP A 143 -4.83 -21.31 3.09
N LYS A 144 -5.42 -21.01 4.25
CA LYS A 144 -5.77 -22.03 5.24
C LYS A 144 -4.57 -22.92 5.55
N ALA A 145 -3.45 -22.28 5.84
CA ALA A 145 -2.18 -22.96 6.03
C ALA A 145 -1.69 -22.77 7.46
N SER A 146 -0.63 -23.51 7.80
CA SER A 146 -0.15 -23.53 9.17
C SER A 146 0.85 -22.43 9.48
N TYR A 147 1.25 -21.61 8.50
CA TYR A 147 2.27 -20.62 8.79
C TYR A 147 1.76 -19.54 9.75
N ARG A 148 2.68 -19.01 10.53
CA ARG A 148 2.39 -17.95 11.47
C ARG A 148 3.11 -16.68 11.05
N VAL A 149 2.68 -15.56 11.62
CA VAL A 149 3.13 -14.23 11.23
C VAL A 149 3.62 -13.50 12.47
N TYR A 150 4.86 -13.01 12.41
CA TYR A 150 5.51 -12.33 13.53
C TYR A 150 5.90 -10.92 13.09
N CYS A 151 5.59 -9.92 13.92
CA CYS A 151 5.83 -8.53 13.57
C CYS A 151 6.50 -7.84 14.76
N LEU A 152 7.68 -7.26 14.51
CA LEU A 152 8.44 -6.57 15.56
C LEU A 152 8.26 -5.06 15.41
N LEU A 153 7.79 -4.41 16.48
CA LEU A 153 7.52 -2.98 16.52
C LEU A 153 8.37 -2.32 17.60
N GLY A 154 8.67 -1.02 17.41
CA GLY A 154 9.27 -0.21 18.45
C GLY A 154 8.21 0.43 19.36
N ASP A 155 8.67 1.02 20.45
CA ASP A 155 7.69 1.63 21.36
C ASP A 155 7.29 3.04 20.93
N GLY A 156 8.24 3.84 20.44
CA GLY A 156 7.86 5.12 19.85
C GLY A 156 6.89 4.94 18.71
N GLU A 157 7.09 3.88 17.92
CA GLU A 157 6.22 3.54 16.80
C GLU A 157 4.76 3.35 17.22
N LEU A 158 4.53 2.91 18.46
CA LEU A 158 3.17 2.66 18.95
C LEU A 158 2.36 3.94 19.11
N SER A 159 2.98 5.11 18.94
CA SER A 159 2.21 6.34 18.89
C SER A 159 1.42 6.51 17.59
N GLU A 160 1.71 5.74 16.55
CA GLU A 160 1.00 5.89 15.28
C GLU A 160 -0.38 5.25 15.36
N GLY A 161 -1.41 6.01 14.97
CA GLY A 161 -2.75 5.48 15.01
C GLY A 161 -2.95 4.24 14.14
N SER A 162 -2.18 4.13 13.06
CA SER A 162 -2.32 2.98 12.17
C SER A 162 -2.06 1.68 12.92
N VAL A 163 -1.16 1.70 13.91
CA VAL A 163 -0.91 0.51 14.72
C VAL A 163 -2.19 0.06 15.41
N TRP A 164 -2.94 1.00 15.97
CA TRP A 164 -4.13 0.64 16.73
C TRP A 164 -5.27 0.20 15.83
N GLU A 165 -5.33 0.71 14.59
CA GLU A 165 -6.25 0.14 13.62
C GLU A 165 -5.95 -1.33 13.36
N ALA A 166 -4.65 -1.67 13.21
CA ALA A 166 -4.27 -3.07 13.01
C ALA A 166 -4.56 -3.93 14.23
N MET A 167 -4.29 -3.41 15.42
N MET A 167 -4.35 -3.40 15.43
CA MET A 167 -4.64 -4.14 16.65
CA MET A 167 -4.64 -4.20 16.61
C MET A 167 -6.11 -4.50 16.64
C MET A 167 -6.12 -4.45 16.78
N ALA A 168 -6.97 -3.52 16.34
CA ALA A 168 -8.40 -3.75 16.38
C ALA A 168 -8.82 -4.75 15.31
N PHE A 169 -8.23 -4.64 14.11
CA PHE A 169 -8.52 -5.56 13.02
C PHE A 169 -8.20 -7.00 13.42
N ALA A 170 -7.03 -7.20 14.03
CA ALA A 170 -6.60 -8.56 14.35
C ALA A 170 -7.52 -9.21 15.38
N SER A 171 -8.07 -8.43 16.31
N SER A 171 -8.08 -8.45 16.30
CA SER A 171 -9.01 -8.95 17.28
CA SER A 171 -9.00 -9.05 17.26
C SER A 171 -10.35 -9.27 16.63
C SER A 171 -10.39 -9.27 16.65
N ILE A 172 -10.86 -8.35 15.80
CA ILE A 172 -12.13 -8.55 15.10
C ILE A 172 -12.11 -9.86 14.32
N TYR A 173 -11.00 -10.12 13.63
CA TYR A 173 -10.87 -11.27 12.75
C TYR A 173 -10.14 -12.46 13.36
N LYS A 174 -9.92 -12.43 14.67
CA LYS A 174 -9.41 -13.58 15.43
C LYS A 174 -8.14 -14.16 14.82
N LEU A 175 -7.15 -13.29 14.61
CA LEU A 175 -5.89 -13.70 13.98
C LEU A 175 -4.98 -14.34 15.02
N ASP A 176 -5.35 -15.55 15.44
CA ASP A 176 -4.56 -16.29 16.42
C ASP A 176 -3.27 -16.85 15.85
N ASN A 177 -3.01 -16.65 14.56
CA ASN A 177 -1.74 -16.97 13.95
C ASN A 177 -0.79 -15.76 13.90
N LEU A 178 -1.15 -14.66 14.56
CA LEU A 178 -0.38 -13.42 14.50
C LEU A 178 0.23 -13.11 15.87
N VAL A 179 1.51 -12.74 15.87
CA VAL A 179 2.22 -12.33 17.08
C VAL A 179 2.88 -10.99 16.82
N ALA A 180 2.61 -10.01 17.67
CA ALA A 180 3.31 -8.73 17.64
C ALA A 180 4.27 -8.72 18.81
N ILE A 181 5.52 -8.34 18.54
CA ILE A 181 6.53 -8.20 19.57
C ILE A 181 6.81 -6.71 19.71
N LEU A 182 6.63 -6.18 20.92
CA LEU A 182 6.84 -4.76 21.17
C LEU A 182 8.18 -4.58 21.87
N ASP A 183 9.11 -3.89 21.20
CA ASP A 183 10.45 -3.64 21.72
C ASP A 183 10.37 -2.38 22.59
N ILE A 184 10.06 -2.57 23.88
CA ILE A 184 9.81 -1.44 24.77
C ILE A 184 11.16 -1.07 25.37
N ASN A 185 11.96 -0.34 24.58
CA ASN A 185 13.30 0.04 25.01
C ASN A 185 13.36 1.45 25.61
N ARG A 186 12.20 2.03 25.92
CA ARG A 186 12.05 3.25 26.73
C ARG A 186 12.21 4.53 25.93
N LEU A 187 12.98 4.50 24.84
CA LEU A 187 13.40 5.71 24.15
C LEU A 187 12.92 5.74 22.72
N GLY A 188 12.59 6.93 22.25
CA GLY A 188 12.37 7.21 20.84
C GLY A 188 13.61 7.80 20.19
N GLN A 189 13.38 8.64 19.18
CA GLN A 189 14.49 9.27 18.48
C GLN A 189 15.09 10.44 19.25
N SER A 190 14.25 11.29 19.83
CA SER A 190 14.70 12.57 20.37
C SER A 190 14.32 12.77 21.82
N ASP A 191 13.70 11.78 22.45
CA ASP A 191 13.28 11.85 23.85
C ASP A 191 12.77 10.47 24.24
N PRO A 192 12.49 10.23 25.53
CA PRO A 192 11.86 8.96 25.90
C PRO A 192 10.50 8.83 25.23
N ALA A 193 10.12 7.59 24.93
CA ALA A 193 8.76 7.34 24.47
C ALA A 193 7.78 7.70 25.58
N PRO A 194 6.56 8.14 25.25
CA PRO A 194 5.65 8.64 26.30
C PRO A 194 5.50 7.74 27.51
N LEU A 195 5.32 6.44 27.32
CA LEU A 195 5.06 5.57 28.45
C LEU A 195 6.32 5.01 29.09
N GLN A 196 7.49 5.23 28.50
CA GLN A 196 8.77 4.73 29.04
C GLN A 196 8.63 3.26 29.41
N HIS A 197 8.95 2.85 30.64
CA HIS A 197 8.91 1.46 31.03
C HIS A 197 7.69 1.11 31.88
N GLN A 198 6.58 1.82 31.67
CA GLN A 198 5.33 1.51 32.34
C GLN A 198 4.68 0.33 31.60
N MET A 199 5.23 -0.85 31.85
CA MET A 199 4.82 -2.04 31.12
C MET A 199 3.35 -2.35 31.33
N ASP A 200 2.82 -2.03 32.51
CA ASP A 200 1.42 -2.34 32.81
C ASP A 200 0.47 -1.55 31.90
N ILE A 201 0.83 -0.31 31.57
CA ILE A 201 -0.01 0.50 30.68
C ILE A 201 -0.03 -0.11 29.28
N TYR A 202 1.13 -0.53 28.77
CA TYR A 202 1.14 -1.21 27.47
C TYR A 202 0.27 -2.46 27.51
N GLN A 203 0.37 -3.23 28.59
CA GLN A 203 -0.46 -4.42 28.71
C GLN A 203 -1.94 -4.06 28.69
N LYS A 204 -2.34 -3.03 29.44
CA LYS A 204 -3.75 -2.63 29.47
C LYS A 204 -4.24 -2.20 28.09
N ARG A 205 -3.42 -1.45 27.35
CA ARG A 205 -3.84 -1.00 26.03
C ARG A 205 -4.01 -2.18 25.09
N CYS A 206 -3.07 -3.13 25.10
CA CYS A 206 -3.20 -4.29 24.23
C CYS A 206 -4.41 -5.15 24.61
N GLU A 207 -4.62 -5.36 25.91
CA GLU A 207 -5.75 -6.17 26.33
C GLU A 207 -7.07 -5.51 25.98
N ALA A 208 -7.14 -4.17 26.09
CA ALA A 208 -8.36 -3.45 25.76
C ALA A 208 -8.71 -3.56 24.28
N PHE A 209 -7.71 -3.78 23.43
CA PHE A 209 -7.91 -3.99 22.01
C PHE A 209 -8.03 -5.45 21.63
N GLY A 210 -8.15 -6.33 22.61
CA GLY A 210 -8.50 -7.71 22.35
C GLY A 210 -7.36 -8.68 22.20
N TRP A 211 -6.14 -8.26 22.51
CA TRP A 211 -5.00 -9.14 22.36
C TRP A 211 -4.68 -9.83 23.67
N HIS A 212 -4.12 -11.03 23.57
CA HIS A 212 -3.51 -11.66 24.74
C HIS A 212 -2.12 -11.05 24.91
N ALA A 213 -1.86 -10.43 26.05
CA ALA A 213 -0.66 -9.65 26.26
C ALA A 213 0.20 -10.30 27.34
N ILE A 214 1.49 -10.47 27.04
CA ILE A 214 2.45 -11.11 27.93
C ILE A 214 3.63 -10.17 28.10
N ILE A 215 3.91 -9.75 29.33
CA ILE A 215 5.10 -8.95 29.62
C ILE A 215 6.27 -9.89 29.85
N VAL A 216 7.38 -9.64 29.16
CA VAL A 216 8.60 -10.43 29.33
C VAL A 216 9.79 -9.51 29.51
N ASP A 217 10.85 -10.07 30.10
CA ASP A 217 12.18 -9.49 30.00
C ASP A 217 12.70 -9.75 28.60
N GLY A 218 12.80 -8.70 27.78
CA GLY A 218 13.19 -8.82 26.39
C GLY A 218 14.63 -9.21 26.17
N HIS A 219 15.44 -9.32 27.21
CA HIS A 219 16.81 -9.78 27.08
C HIS A 219 17.00 -11.17 27.67
N SER A 220 15.92 -11.86 28.01
CA SER A 220 15.98 -13.22 28.55
C SER A 220 15.56 -14.18 27.44
N VAL A 221 16.52 -14.91 26.87
CA VAL A 221 16.17 -15.88 25.83
C VAL A 221 15.19 -16.92 26.36
N GLU A 222 15.29 -17.26 27.64
CA GLU A 222 14.39 -18.27 28.21
C GLU A 222 12.96 -17.77 28.28
N GLU A 223 12.75 -16.55 28.80
CA GLU A 223 11.39 -15.99 28.85
C GLU A 223 10.82 -15.81 27.46
N LEU A 224 11.66 -15.44 26.49
CA LEU A 224 11.18 -15.28 25.13
C LEU A 224 10.79 -16.62 24.51
N CYS A 225 11.62 -17.65 24.68
CA CYS A 225 11.27 -18.97 24.15
C CYS A 225 9.92 -19.43 24.70
N LYS A 226 9.73 -19.25 26.01
CA LYS A 226 8.49 -19.67 26.65
C LYS A 226 7.30 -18.89 26.14
N ALA A 227 7.45 -17.57 26.00
CA ALA A 227 6.31 -16.73 25.61
C ALA A 227 5.91 -16.99 24.17
N PHE A 228 6.89 -17.17 23.28
CA PHE A 228 6.59 -17.52 21.90
C PHE A 228 6.05 -18.94 21.79
N GLY A 229 6.40 -19.81 22.74
CA GLY A 229 6.08 -21.21 22.65
C GLY A 229 4.66 -21.60 23.00
N GLN A 230 3.85 -20.67 23.50
CA GLN A 230 2.46 -20.94 23.84
C GLN A 230 1.55 -20.26 22.82
N ALA A 231 0.93 -21.06 21.96
CA ALA A 231 -0.06 -20.53 21.04
C ALA A 231 -1.34 -20.18 21.79
N LYS A 232 -2.10 -19.24 21.23
CA LYS A 232 -3.29 -18.71 21.89
C LYS A 232 -4.46 -18.76 20.93
N HIS A 233 -5.63 -18.39 21.44
CA HIS A 233 -6.83 -18.24 20.63
C HIS A 233 -7.08 -16.79 20.25
N GLN A 234 -6.12 -15.91 20.50
CA GLN A 234 -6.20 -14.50 20.16
C GLN A 234 -4.89 -14.11 19.51
N PRO A 235 -4.86 -13.00 18.78
CA PRO A 235 -3.57 -12.39 18.46
C PRO A 235 -2.84 -12.10 19.76
N THR A 236 -1.52 -12.31 19.75
CA THR A 236 -0.74 -12.29 20.97
C THR A 236 0.30 -11.18 20.88
N ALA A 237 0.35 -10.34 21.91
CA ALA A 237 1.33 -9.27 22.02
C ALA A 237 2.36 -9.67 23.06
N ILE A 238 3.61 -9.79 22.63
CA ILE A 238 4.74 -10.02 23.54
C ILE A 238 5.33 -8.65 23.84
N ILE A 239 5.14 -8.19 25.07
CA ILE A 239 5.52 -6.84 25.48
C ILE A 239 6.88 -6.98 26.17
N ALA A 240 7.95 -6.64 25.45
CA ALA A 240 9.30 -6.98 25.88
C ALA A 240 9.98 -5.76 26.48
N LYS A 241 10.29 -5.83 27.78
CA LYS A 241 11.03 -4.76 28.42
C LYS A 241 12.49 -4.90 28.03
N THR A 242 13.03 -3.89 27.34
CA THR A 242 14.38 -3.93 26.82
C THR A 242 15.08 -2.61 27.11
N PHE A 243 16.38 -2.57 26.83
CA PHE A 243 17.15 -1.34 26.91
C PHE A 243 17.74 -1.01 25.56
N LYS A 244 17.57 0.22 25.13
CA LYS A 244 18.14 0.64 23.86
C LYS A 244 19.66 0.61 23.99
N GLY A 245 20.33 0.08 22.97
CA GLY A 245 21.78 -0.05 23.06
C GLY A 245 22.24 -1.14 23.99
N ARG A 246 21.36 -2.10 24.31
CA ARG A 246 21.71 -3.20 25.20
C ARG A 246 23.03 -3.85 24.79
N GLY A 247 23.93 -3.99 25.77
CA GLY A 247 25.21 -4.61 25.52
C GLY A 247 26.32 -3.65 25.13
N ILE A 248 26.00 -2.39 24.85
CA ILE A 248 26.99 -1.37 24.53
C ILE A 248 27.28 -0.58 25.80
N THR A 249 28.39 -0.89 26.46
CA THR A 249 28.73 -0.24 27.71
C THR A 249 28.85 1.27 27.54
N GLY A 250 28.20 2.00 28.43
CA GLY A 250 28.18 3.44 28.37
C GLY A 250 27.11 4.02 27.46
N VAL A 251 26.52 3.21 26.59
CA VAL A 251 25.48 3.66 25.68
C VAL A 251 24.11 3.08 26.01
N GLU A 252 24.06 1.89 26.58
CA GLU A 252 22.80 1.26 26.96
C GLU A 252 21.97 2.20 27.82
N ASP A 253 20.71 2.39 27.43
CA ASP A 253 19.71 3.17 28.17
C ASP A 253 19.96 4.67 28.13
N LYS A 254 20.83 5.14 27.23
CA LYS A 254 21.17 6.57 27.16
C LYS A 254 20.47 7.24 25.99
N GLU A 255 20.14 8.52 26.19
CA GLU A 255 19.66 9.37 25.12
C GLU A 255 20.84 9.82 24.25
N SER A 256 20.51 10.49 23.15
CA SER A 256 21.49 11.08 22.22
C SER A 256 22.18 10.05 21.34
N TRP A 257 21.67 8.81 21.28
CA TRP A 257 22.30 7.77 20.48
C TRP A 257 21.42 7.19 19.38
N HIS A 258 20.20 7.67 19.19
CA HIS A 258 19.37 7.11 18.15
C HIS A 258 19.93 7.47 16.78
N GLY A 259 20.11 6.45 15.93
CA GLY A 259 20.62 6.70 14.60
C GLY A 259 22.05 7.19 14.55
N LYS A 260 22.83 6.93 15.60
CA LYS A 260 24.23 7.33 15.66
C LYS A 260 25.09 6.10 15.66
N PRO A 261 25.94 5.91 14.65
CA PRO A 261 26.87 4.78 14.67
C PRO A 261 27.98 5.00 15.68
N LEU A 262 28.59 3.92 16.09
CA LEU A 262 29.76 4.03 16.95
C LEU A 262 30.98 4.39 16.09
N PRO A 263 31.82 5.32 16.55
CA PRO A 263 33.07 5.57 15.83
C PRO A 263 33.95 4.33 15.85
N LYS A 264 34.85 4.26 14.87
CA LYS A 264 35.71 3.10 14.68
C LYS A 264 36.41 2.68 15.97
N ASN A 265 37.05 3.63 16.67
CA ASN A 265 37.82 3.27 17.86
C ASN A 265 36.93 2.68 18.93
N MET A 266 35.70 3.18 19.03
CA MET A 266 34.76 2.72 20.04
C MET A 266 34.16 1.37 19.65
N ALA A 267 33.84 1.22 18.37
CA ALA A 267 33.32 -0.07 17.89
C ALA A 267 34.28 -1.21 18.20
N GLU A 268 35.58 -1.00 17.93
CA GLU A 268 36.57 -2.03 18.19
C GLU A 268 36.55 -2.45 19.66
N GLN A 269 36.53 -1.46 20.57
CA GLN A 269 36.54 -1.75 21.99
C GLN A 269 35.26 -2.48 22.41
N ILE A 270 34.12 -1.98 21.95
CA ILE A 270 32.83 -2.56 22.33
C ILE A 270 32.70 -3.99 21.79
N ILE A 271 33.07 -4.19 20.52
CA ILE A 271 32.98 -5.52 19.92
C ILE A 271 33.81 -6.53 20.69
N GLN A 272 35.02 -6.12 21.13
CA GLN A 272 35.83 -7.04 21.91
C GLN A 272 35.12 -7.46 23.19
N GLU A 273 34.44 -6.52 23.86
CA GLU A 273 33.68 -6.84 25.06
C GLU A 273 32.59 -7.85 24.77
N ILE A 274 31.78 -7.59 23.74
CA ILE A 274 30.67 -8.49 23.42
C ILE A 274 31.21 -9.87 23.03
N TYR A 275 32.26 -9.88 22.21
CA TYR A 275 32.82 -11.15 21.76
C TYR A 275 33.26 -12.01 22.93
N SER A 276 33.78 -11.40 23.99
CA SER A 276 34.20 -12.14 25.17
C SER A 276 33.03 -12.81 25.90
N GLN A 277 31.79 -12.43 25.59
CA GLN A 277 30.63 -13.07 26.16
C GLN A 277 30.19 -14.32 25.40
N ILE A 278 30.69 -14.53 24.18
CA ILE A 278 30.21 -15.63 23.33
C ILE A 278 30.95 -16.90 23.72
N GLN A 279 30.20 -17.92 24.11
CA GLN A 279 30.81 -19.15 24.60
C GLN A 279 31.18 -20.13 23.49
N SER A 280 30.54 -20.07 22.34
CA SER A 280 30.83 -21.01 21.26
C SER A 280 30.49 -20.38 19.92
N LYS A 281 31.27 -20.75 18.89
CA LYS A 281 31.08 -20.25 17.54
C LYS A 281 30.05 -21.03 16.75
N LYS A 282 29.63 -22.20 17.22
CA LYS A 282 28.70 -23.03 16.47
C LYS A 282 27.34 -22.34 16.32
N LYS A 283 26.79 -22.39 15.11
CA LYS A 283 25.54 -21.72 14.80
C LYS A 283 24.37 -22.70 14.88
N ILE A 284 23.20 -22.17 15.22
CA ILE A 284 21.95 -22.94 15.23
C ILE A 284 21.39 -22.95 13.81
N LEU A 285 20.82 -24.09 13.40
CA LEU A 285 20.19 -24.19 12.10
C LEU A 285 18.71 -23.83 12.18
N ALA A 286 18.21 -23.18 11.13
CA ALA A 286 16.79 -22.92 11.02
C ALA A 286 16.02 -24.23 10.85
N THR A 287 14.74 -24.21 11.23
CA THR A 287 13.90 -25.39 11.13
C THR A 287 12.85 -25.17 10.05
N PRO A 288 12.68 -26.12 9.13
CA PRO A 288 11.80 -25.90 7.96
C PRO A 288 10.33 -25.99 8.34
N PRO A 289 9.45 -25.44 7.51
CA PRO A 289 8.02 -25.42 7.82
C PRO A 289 7.29 -26.65 7.29
N GLN A 290 6.07 -26.83 7.79
CA GLN A 290 5.15 -27.79 7.20
C GLN A 290 4.61 -27.21 5.90
N GLU A 291 4.59 -28.03 4.84
CA GLU A 291 4.34 -27.51 3.49
C GLU A 291 2.88 -27.71 3.08
N ASP A 292 2.02 -26.90 3.69
CA ASP A 292 0.58 -27.03 3.47
C ASP A 292 -0.08 -25.81 2.84
N ALA A 293 0.70 -24.82 2.38
CA ALA A 293 0.11 -23.74 1.62
C ALA A 293 -0.28 -24.24 0.23
N PRO A 294 -1.45 -23.87 -0.27
CA PRO A 294 -1.91 -24.40 -1.56
C PRO A 294 -1.20 -23.74 -2.74
N SER A 295 -1.29 -24.41 -3.88
CA SER A 295 -0.84 -23.80 -5.12
C SER A 295 -1.81 -22.67 -5.50
N VAL A 296 -1.26 -21.64 -6.17
CA VAL A 296 -2.04 -20.52 -6.67
C VAL A 296 -1.72 -20.35 -8.15
N ASP A 297 -2.77 -20.28 -8.98
CA ASP A 297 -2.55 -20.05 -10.39
C ASP A 297 -2.05 -18.63 -10.62
N ILE A 298 -1.29 -18.45 -11.71
CA ILE A 298 -0.73 -17.16 -12.07
C ILE A 298 -1.22 -16.67 -13.43
N ALA A 299 -2.26 -17.30 -13.97
CA ALA A 299 -2.70 -16.99 -15.32
C ALA A 299 -3.42 -15.64 -15.36
N ASN A 300 -3.56 -15.13 -16.59
CA ASN A 300 -4.33 -13.92 -16.81
C ASN A 300 -5.78 -14.15 -16.39
N ILE A 301 -6.40 -13.11 -15.84
CA ILE A 301 -7.77 -13.14 -15.39
C ILE A 301 -8.63 -12.44 -16.44
N ARG A 302 -9.60 -13.17 -16.99
CA ARG A 302 -10.45 -12.62 -18.04
C ARG A 302 -11.89 -12.59 -17.58
N MET A 303 -12.59 -11.50 -17.93
CA MET A 303 -14.01 -11.42 -17.64
C MET A 303 -14.73 -12.57 -18.35
N PRO A 304 -15.75 -13.17 -17.72
CA PRO A 304 -16.45 -14.30 -18.35
C PRO A 304 -17.22 -13.95 -19.61
N SER A 305 -17.47 -12.66 -19.89
CA SER A 305 -18.20 -12.24 -21.07
C SER A 305 -17.94 -10.75 -21.26
N LEU A 306 -18.34 -10.25 -22.43
CA LEU A 306 -18.26 -8.83 -22.71
C LEU A 306 -19.22 -8.09 -21.78
N PRO A 307 -19.04 -6.77 -21.61
CA PRO A 307 -20.02 -6.01 -20.83
C PRO A 307 -21.39 -6.10 -21.47
N SER A 308 -22.43 -6.03 -20.65
CA SER A 308 -23.79 -6.21 -21.13
C SER A 308 -24.58 -4.90 -21.13
N TYR A 309 -23.90 -3.76 -21.15
CA TYR A 309 -24.58 -2.47 -21.17
C TYR A 309 -25.04 -2.15 -22.58
N LYS A 310 -26.12 -1.39 -22.67
CA LYS A 310 -26.66 -0.94 -23.94
C LYS A 310 -26.34 0.54 -24.11
N VAL A 311 -25.80 0.90 -25.26
CA VAL A 311 -25.55 2.30 -25.58
C VAL A 311 -26.83 3.09 -25.34
N GLY A 312 -26.74 4.14 -24.53
CA GLY A 312 -27.86 4.99 -24.20
C GLY A 312 -28.39 4.78 -22.80
N ASP A 313 -28.24 3.57 -22.25
CA ASP A 313 -28.62 3.35 -20.87
C ASP A 313 -27.77 4.22 -19.95
N LYS A 314 -28.31 4.52 -18.77
CA LYS A 314 -27.66 5.39 -17.81
C LYS A 314 -27.21 4.55 -16.61
N ILE A 315 -25.94 4.68 -16.24
CA ILE A 315 -25.42 4.03 -15.04
C ILE A 315 -24.25 4.85 -14.53
N ALA A 316 -24.17 4.98 -13.21
CA ALA A 316 -23.02 5.62 -12.59
C ALA A 316 -21.83 4.67 -12.60
N THR A 317 -20.64 5.21 -12.87
CA THR A 317 -19.47 4.35 -12.91
C THR A 317 -19.19 3.67 -11.57
N ARG A 318 -19.62 4.28 -10.45
CA ARG A 318 -19.46 3.59 -9.17
C ARG A 318 -20.24 2.29 -9.14
N LYS A 319 -21.45 2.30 -9.70
CA LYS A 319 -22.24 1.08 -9.73
C LYS A 319 -21.66 0.08 -10.73
N ALA A 320 -21.18 0.57 -11.88
CA ALA A 320 -20.56 -0.32 -12.84
C ALA A 320 -19.31 -0.97 -12.26
N TYR A 321 -18.60 -0.25 -11.38
CA TYR A 321 -17.46 -0.86 -10.70
C TYR A 321 -17.89 -2.06 -9.88
N GLY A 322 -18.92 -1.89 -9.05
CA GLY A 322 -19.37 -3.00 -8.22
C GLY A 322 -19.84 -4.18 -9.04
N GLN A 323 -20.61 -3.90 -10.10
CA GLN A 323 -21.04 -4.97 -10.99
C GLN A 323 -19.84 -5.66 -11.64
N ALA A 324 -18.86 -4.87 -12.09
CA ALA A 324 -17.72 -5.45 -12.80
C ALA A 324 -16.83 -6.25 -11.88
N LEU A 325 -16.65 -5.78 -10.64
CA LEU A 325 -15.82 -6.52 -9.69
C LEU A 325 -16.49 -7.83 -9.30
N ALA A 326 -17.80 -7.82 -9.10
CA ALA A 326 -18.50 -9.07 -8.80
C ALA A 326 -18.41 -10.01 -9.98
N LYS A 327 -18.54 -9.49 -11.20
CA LYS A 327 -18.41 -10.32 -12.39
C LYS A 327 -17.01 -10.92 -12.46
N LEU A 328 -15.98 -10.11 -12.19
CA LEU A 328 -14.61 -10.62 -12.25
C LEU A 328 -14.36 -11.68 -11.18
N GLY A 329 -15.06 -11.58 -10.04
CA GLY A 329 -14.89 -12.57 -8.99
C GLY A 329 -15.37 -13.96 -9.38
N HIS A 330 -16.30 -14.04 -10.32
CA HIS A 330 -16.74 -15.35 -10.80
C HIS A 330 -15.71 -16.00 -11.72
N ALA A 331 -14.75 -15.22 -12.21
CA ALA A 331 -13.75 -15.72 -13.14
C ALA A 331 -12.50 -16.24 -12.44
N SER A 332 -12.17 -15.69 -11.27
CA SER A 332 -10.93 -16.06 -10.58
C SER A 332 -11.15 -16.01 -9.08
N ASP A 333 -10.79 -17.09 -8.40
CA ASP A 333 -10.82 -17.14 -6.94
C ASP A 333 -9.76 -16.26 -6.31
N ARG A 334 -8.84 -15.70 -7.10
CA ARG A 334 -7.79 -14.85 -6.55
C ARG A 334 -8.29 -13.46 -6.19
N ILE A 335 -9.41 -13.01 -6.76
CA ILE A 335 -9.89 -11.66 -6.53
C ILE A 335 -10.45 -11.57 -5.11
N ILE A 336 -9.97 -10.59 -4.35
CA ILE A 336 -10.58 -10.28 -3.06
C ILE A 336 -10.93 -8.80 -3.05
N ALA A 337 -11.91 -8.45 -2.22
CA ALA A 337 -12.39 -7.07 -2.13
C ALA A 337 -12.34 -6.60 -0.69
N LEU A 338 -11.90 -5.36 -0.51
CA LEU A 338 -11.81 -4.72 0.80
C LEU A 338 -12.54 -3.40 0.71
N ASP A 339 -13.22 -3.00 1.78
CA ASP A 339 -13.94 -1.74 1.78
C ASP A 339 -13.99 -1.20 3.21
N GLY A 340 -14.05 0.12 3.33
CA GLY A 340 -14.03 0.78 4.62
C GLY A 340 -15.37 1.32 5.08
N ASP A 341 -16.31 0.43 5.39
CA ASP A 341 -17.67 0.80 5.80
C ASP A 341 -18.37 1.68 4.77
N THR A 342 -18.02 1.54 3.48
CA THR A 342 -18.67 2.32 2.43
C THR A 342 -19.24 1.44 1.32
N LYS A 343 -19.44 0.14 1.58
CA LYS A 343 -19.77 -0.79 0.50
C LYS A 343 -21.10 -0.46 -0.16
N ASN A 344 -22.02 0.17 0.56
N ASN A 344 -22.03 0.16 0.57
CA ASN A 344 -23.32 0.53 0.00
CA ASN A 344 -23.30 0.52 -0.05
C ASN A 344 -23.29 1.85 -0.76
C ASN A 344 -23.16 1.66 -1.04
N SER A 345 -22.14 2.50 -0.86
CA SER A 345 -21.94 3.68 -1.71
C SER A 345 -20.92 3.47 -2.81
N THR A 346 -19.89 2.63 -2.58
CA THR A 346 -18.95 2.26 -3.62
C THR A 346 -19.48 1.13 -4.48
N PHE A 347 -20.52 0.43 -4.00
CA PHE A 347 -21.12 -0.74 -4.62
C PHE A 347 -20.24 -1.99 -4.57
N SER A 348 -19.20 -1.99 -3.74
CA SER A 348 -18.52 -3.25 -3.47
C SER A 348 -19.41 -4.23 -2.73
N GLU A 349 -20.57 -3.78 -2.22
CA GLU A 349 -21.55 -4.69 -1.64
C GLU A 349 -22.02 -5.74 -2.64
N ILE A 350 -21.96 -5.44 -3.93
CA ILE A 350 -22.35 -6.41 -4.94
C ILE A 350 -21.42 -7.61 -4.91
N PHE A 351 -20.11 -7.35 -4.82
CA PHE A 351 -19.13 -8.42 -4.65
C PHE A 351 -19.37 -9.18 -3.35
N LYS A 352 -19.60 -8.45 -2.25
CA LYS A 352 -19.84 -9.10 -0.97
C LYS A 352 -21.02 -10.06 -1.05
N LYS A 353 -22.08 -9.66 -1.76
CA LYS A 353 -23.25 -10.51 -1.86
C LYS A 353 -22.94 -11.80 -2.62
N GLU A 354 -22.13 -11.71 -3.67
CA GLU A 354 -21.88 -12.86 -4.52
C GLU A 354 -20.70 -13.70 -4.04
N HIS A 355 -19.70 -13.07 -3.41
CA HIS A 355 -18.48 -13.75 -2.97
C HIS A 355 -18.15 -13.36 -1.54
N PRO A 356 -19.03 -13.66 -0.58
CA PRO A 356 -18.82 -13.16 0.78
C PRO A 356 -17.53 -13.62 1.43
N ASP A 357 -17.09 -14.85 1.16
N ASP A 357 -17.08 -14.85 1.16
CA ASP A 357 -15.87 -15.36 1.77
CA ASP A 357 -15.86 -15.34 1.78
C ASP A 357 -14.62 -14.60 1.34
C ASP A 357 -14.62 -14.60 1.32
N ARG A 358 -14.71 -13.81 0.26
CA ARG A 358 -13.56 -13.07 -0.25
C ARG A 358 -13.71 -11.56 -0.09
N PHE A 359 -14.67 -11.13 0.71
CA PHE A 359 -14.83 -9.72 1.06
C PHE A 359 -14.29 -9.50 2.47
N ILE A 360 -13.52 -8.43 2.65
CA ILE A 360 -12.97 -8.06 3.96
C ILE A 360 -13.51 -6.69 4.34
N GLU A 361 -14.38 -6.65 5.33
CA GLU A 361 -14.81 -5.38 5.90
C GLU A 361 -13.69 -4.81 6.78
N CYS A 362 -13.18 -3.64 6.41
CA CYS A 362 -12.08 -3.02 7.14
C CYS A 362 -12.55 -1.90 8.05
N TYR A 363 -13.83 -1.55 8.02
CA TYR A 363 -14.37 -0.49 8.86
C TYR A 363 -13.74 0.86 8.51
N ILE A 364 -13.97 1.88 9.35
CA ILE A 364 -13.54 3.23 9.00
C ILE A 364 -12.08 3.39 9.38
N ALA A 365 -11.19 2.86 8.54
CA ALA A 365 -9.77 2.75 8.85
C ALA A 365 -9.01 2.57 7.55
N GLU A 366 -8.88 3.65 6.77
CA GLU A 366 -8.35 3.55 5.42
C GLU A 366 -6.86 3.19 5.42
N GLN A 367 -6.09 3.73 6.37
CA GLN A 367 -4.67 3.36 6.45
CA GLN A 367 -4.68 3.37 6.44
C GLN A 367 -4.51 1.86 6.58
N ASN A 368 -5.21 1.28 7.54
CA ASN A 368 -5.09 -0.16 7.74
C ASN A 368 -5.60 -0.93 6.52
N MET A 369 -6.67 -0.45 5.88
CA MET A 369 -7.21 -1.17 4.73
C MET A 369 -6.17 -1.32 3.63
N VAL A 370 -5.43 -0.25 3.33
CA VAL A 370 -4.40 -0.35 2.30
C VAL A 370 -3.31 -1.31 2.73
N SER A 371 -2.91 -1.24 4.01
CA SER A 371 -1.87 -2.16 4.50
C SER A 371 -2.34 -3.60 4.47
N ILE A 372 -3.60 -3.86 4.80
CA ILE A 372 -4.14 -5.22 4.68
C ILE A 372 -4.00 -5.72 3.25
N ALA A 373 -4.40 -4.90 2.28
CA ALA A 373 -4.31 -5.30 0.88
C ALA A 373 -2.87 -5.60 0.48
N VAL A 374 -1.93 -4.73 0.89
CA VAL A 374 -0.52 -4.97 0.62
C VAL A 374 -0.10 -6.33 1.17
N GLY A 375 -0.49 -6.63 2.41
CA GLY A 375 -0.15 -7.92 3.00
C GLY A 375 -0.77 -9.09 2.27
N CYS A 376 -2.04 -8.95 1.85
CA CYS A 376 -2.71 -10.02 1.13
C CYS A 376 -2.07 -10.27 -0.23
N ALA A 377 -1.51 -9.23 -0.86
CA ALA A 377 -0.89 -9.39 -2.16
C ALA A 377 0.54 -9.94 -2.09
N THR A 378 1.15 -9.97 -0.91
CA THR A 378 2.52 -10.48 -0.84
C THR A 378 2.58 -11.94 -1.28
N ARG A 379 3.67 -12.29 -1.93
CA ARG A 379 3.88 -13.64 -2.47
C ARG A 379 2.79 -14.02 -3.45
N ASN A 380 2.10 -13.01 -4.01
CA ASN A 380 1.09 -13.20 -5.04
C ASN A 380 -0.05 -14.10 -4.58
N ARG A 381 -0.41 -14.07 -3.29
CA ARG A 381 -1.43 -15.00 -2.82
C ARG A 381 -2.84 -14.59 -3.24
N THR A 382 -3.08 -13.29 -3.41
CA THR A 382 -4.39 -12.79 -3.79
C THR A 382 -4.20 -11.59 -4.71
N VAL A 383 -5.29 -11.18 -5.34
CA VAL A 383 -5.35 -9.99 -6.18
C VAL A 383 -6.37 -9.05 -5.56
N PRO A 384 -5.95 -8.09 -4.73
CA PRO A 384 -6.92 -7.30 -3.95
C PRO A 384 -7.40 -6.02 -4.63
N PHE A 385 -8.67 -5.74 -4.43
CA PHE A 385 -9.30 -4.48 -4.81
C PHE A 385 -9.88 -3.84 -3.56
N CYS A 386 -9.34 -2.68 -3.18
N CYS A 386 -9.37 -2.67 -3.18
CA CYS A 386 -9.86 -1.87 -2.08
CA CYS A 386 -9.90 -1.95 -2.03
C CYS A 386 -10.73 -0.76 -2.63
C CYS A 386 -10.59 -0.66 -2.47
N SER A 387 -11.73 -0.38 -1.85
CA SER A 387 -12.59 0.72 -2.27
C SER A 387 -13.01 1.54 -1.06
N THR A 388 -13.14 2.83 -1.31
CA THR A 388 -13.78 3.83 -0.45
C THR A 388 -14.04 5.03 -1.34
N PHE A 389 -14.47 6.13 -0.74
CA PHE A 389 -14.51 7.38 -1.49
C PHE A 389 -13.07 7.80 -1.81
N ALA A 390 -12.86 8.28 -3.04
CA ALA A 390 -11.50 8.67 -3.43
C ALA A 390 -10.91 9.69 -2.47
N ALA A 391 -11.73 10.61 -1.94
CA ALA A 391 -11.22 11.61 -1.03
C ALA A 391 -10.54 10.99 0.19
N PHE A 392 -11.04 9.84 0.65
CA PHE A 392 -10.49 9.22 1.86
C PHE A 392 -9.27 8.37 1.61
N PHE A 393 -8.91 8.14 0.33
CA PHE A 393 -7.59 7.59 0.06
C PHE A 393 -6.47 8.57 0.43
N THR A 394 -6.77 9.87 0.58
CA THR A 394 -5.74 10.78 1.06
C THR A 394 -5.32 10.44 2.48
N ARG A 395 -6.22 9.81 3.23
CA ARG A 395 -5.91 9.35 4.58
C ARG A 395 -4.83 8.26 4.58
N ALA A 396 -4.65 7.57 3.45
CA ALA A 396 -3.72 6.45 3.35
C ALA A 396 -2.56 6.72 2.41
N PHE A 397 -2.23 7.99 2.17
CA PHE A 397 -1.21 8.31 1.17
C PHE A 397 0.14 7.68 1.52
N ASP A 398 0.51 7.72 2.81
CA ASP A 398 1.82 7.17 3.19
C ASP A 398 1.85 5.66 3.01
N GLN A 399 0.73 4.99 3.29
CA GLN A 399 0.63 3.55 3.02
C GLN A 399 0.73 3.27 1.53
N ILE A 400 0.11 4.11 0.70
CA ILE A 400 0.18 3.93 -0.75
C ILE A 400 1.59 4.21 -1.25
N ARG A 401 2.21 5.28 -0.74
CA ARG A 401 3.61 5.59 -1.06
C ARG A 401 4.52 4.41 -0.73
N MET A 402 4.38 3.87 0.48
CA MET A 402 5.20 2.72 0.87
C MET A 402 4.84 1.47 0.08
N ALA A 403 3.58 1.34 -0.36
CA ALA A 403 3.22 0.20 -1.20
C ALA A 403 4.02 0.20 -2.50
N ALA A 404 4.29 1.39 -3.06
CA ALA A 404 5.09 1.46 -4.27
C ALA A 404 6.56 1.13 -3.98
N ILE A 405 7.07 1.58 -2.84
CA ILE A 405 8.42 1.18 -2.44
C ILE A 405 8.47 -0.33 -2.20
N SER A 406 7.35 -0.92 -1.77
CA SER A 406 7.22 -2.37 -1.60
C SER A 406 6.96 -3.12 -2.90
N GLU A 407 6.90 -2.42 -4.04
CA GLU A 407 6.63 -3.05 -5.34
C GLU A 407 5.33 -3.85 -5.30
N SER A 408 4.34 -3.33 -4.59
CA SER A 408 3.12 -4.06 -4.34
C SER A 408 2.15 -3.97 -5.52
N ASN A 409 1.41 -5.04 -5.77
CA ASN A 409 0.39 -5.07 -6.80
C ASN A 409 -0.97 -5.02 -6.11
N ILE A 410 -1.47 -3.82 -5.89
CA ILE A 410 -2.80 -3.64 -5.32
C ILE A 410 -3.62 -2.75 -6.23
N ASN A 411 -4.93 -2.91 -6.12
CA ASN A 411 -5.89 -2.16 -6.93
C ASN A 411 -6.79 -1.38 -5.99
N LEU A 412 -6.92 -0.08 -6.27
N LEU A 412 -6.96 -0.09 -6.28
CA LEU A 412 -7.71 0.83 -5.45
CA LEU A 412 -7.73 0.81 -5.43
C LEU A 412 -8.78 1.46 -6.33
C LEU A 412 -8.75 1.55 -6.27
N CYS A 413 -10.01 1.50 -5.85
CA CYS A 413 -11.10 2.16 -6.54
C CYS A 413 -11.66 3.22 -5.62
N GLY A 414 -11.57 4.48 -6.03
CA GLY A 414 -12.10 5.56 -5.25
C GLY A 414 -13.32 6.18 -5.91
N SER A 415 -14.45 6.19 -5.20
CA SER A 415 -15.68 6.70 -5.77
C SER A 415 -15.88 8.16 -5.38
N HIS A 416 -17.02 8.73 -5.82
CA HIS A 416 -17.44 10.06 -5.36
C HIS A 416 -16.41 11.13 -5.68
N CYS A 417 -15.85 11.06 -6.88
CA CYS A 417 -14.82 12.02 -7.24
C CYS A 417 -15.47 13.33 -7.66
N GLY A 418 -14.78 14.43 -7.33
CA GLY A 418 -15.13 15.75 -7.83
C GLY A 418 -16.37 16.39 -7.21
N VAL A 419 -16.68 17.58 -7.72
CA VAL A 419 -17.84 18.33 -7.25
C VAL A 419 -19.15 17.69 -7.66
N SER A 420 -19.13 16.77 -8.63
CA SER A 420 -20.37 16.22 -9.14
C SER A 420 -21.11 15.36 -8.12
N ILE A 421 -20.55 15.10 -6.94
CA ILE A 421 -21.34 14.41 -5.92
C ILE A 421 -22.46 15.29 -5.39
N GLY A 422 -22.31 16.60 -5.47
CA GLY A 422 -23.38 17.52 -5.09
C GLY A 422 -23.38 17.86 -3.59
N GLU A 423 -24.45 17.46 -2.91
CA GLU A 423 -24.83 18.14 -1.67
C GLU A 423 -23.94 17.83 -0.47
N ASP A 424 -23.20 16.73 -0.47
CA ASP A 424 -22.36 16.44 0.70
C ASP A 424 -21.32 17.52 0.95
N GLY A 425 -20.85 18.20 -0.09
CA GLY A 425 -19.86 19.24 0.08
C GLY A 425 -18.43 18.74 0.01
N PRO A 426 -17.48 19.65 0.24
CA PRO A 426 -16.08 19.37 -0.12
C PRO A 426 -15.40 18.29 0.71
N SER A 427 -15.84 18.04 1.94
CA SER A 427 -15.16 17.02 2.73
C SER A 427 -15.21 15.64 2.05
N GLN A 428 -16.24 15.39 1.24
N GLN A 428 -16.23 15.41 1.23
CA GLN A 428 -16.38 14.12 0.55
CA GLN A 428 -16.42 14.14 0.55
C GLN A 428 -15.89 14.14 -0.89
C GLN A 428 -15.98 14.17 -0.91
N MET A 429 -15.53 15.32 -1.42
CA MET A 429 -15.21 15.48 -2.83
C MET A 429 -13.73 15.21 -3.07
N ALA A 430 -13.42 14.27 -3.95
CA ALA A 430 -12.03 14.03 -4.31
C ALA A 430 -11.64 15.01 -5.41
N LEU A 431 -10.70 15.90 -5.10
CA LEU A 431 -10.23 16.90 -6.04
C LEU A 431 -8.72 16.91 -6.18
N GLU A 432 -8.03 16.00 -5.48
CA GLU A 432 -6.58 15.92 -5.45
C GLU A 432 -6.11 14.48 -5.64
N ASP A 433 -7.04 13.56 -5.91
CA ASP A 433 -6.71 12.14 -6.02
C ASP A 433 -5.89 11.84 -7.26
N LEU A 434 -6.15 12.55 -8.37
CA LEU A 434 -5.31 12.35 -9.55
C LEU A 434 -3.90 12.84 -9.28
N ALA A 435 -3.76 14.01 -8.63
CA ALA A 435 -2.44 14.48 -8.24
C ALA A 435 -1.72 13.44 -7.38
N MET A 436 -2.43 12.92 -6.39
CA MET A 436 -1.83 11.98 -5.45
C MET A 436 -1.39 10.71 -6.16
N PHE A 437 -2.31 10.10 -6.92
CA PHE A 437 -1.97 8.82 -7.52
C PHE A 437 -0.98 8.97 -8.67
N ARG A 438 -1.02 10.09 -9.41
CA ARG A 438 0.00 10.29 -10.44
C ARG A 438 1.40 10.39 -9.86
N SER A 439 1.53 10.88 -8.64
CA SER A 439 2.86 11.02 -8.03
C SER A 439 3.41 9.70 -7.50
N VAL A 440 2.60 8.64 -7.50
CA VAL A 440 3.05 7.33 -7.02
C VAL A 440 3.78 6.62 -8.16
N PRO A 441 5.06 6.27 -7.98
CA PRO A 441 5.88 5.89 -9.14
C PRO A 441 5.37 4.75 -9.98
N THR A 442 4.76 3.73 -9.37
CA THR A 442 4.36 2.53 -10.09
C THR A 442 2.90 2.57 -10.52
N SER A 443 2.26 3.73 -10.50
CA SER A 443 0.81 3.77 -10.60
C SER A 443 0.35 3.75 -12.05
N THR A 444 -0.84 3.18 -12.24
CA THR A 444 -1.63 3.31 -13.45
C THR A 444 -2.94 3.93 -12.99
N VAL A 445 -3.39 4.99 -13.65
CA VAL A 445 -4.56 5.74 -13.21
C VAL A 445 -5.63 5.63 -14.30
N PHE A 446 -6.71 4.91 -13.99
CA PHE A 446 -7.86 4.76 -14.87
C PHE A 446 -8.95 5.74 -14.47
N TYR A 447 -9.55 6.39 -15.45
CA TYR A 447 -10.65 7.32 -15.20
C TYR A 447 -11.74 6.98 -16.22
N PRO A 448 -12.53 5.93 -15.95
CA PRO A 448 -13.51 5.48 -16.94
C PRO A 448 -14.70 6.42 -16.99
N SER A 449 -15.20 6.65 -18.21
CA SER A 449 -16.26 7.63 -18.41
C SER A 449 -17.66 7.03 -18.51
N ASP A 450 -17.78 5.73 -18.71
CA ASP A 450 -19.08 5.07 -18.71
C ASP A 450 -18.94 3.66 -18.15
N GLY A 451 -20.06 2.94 -18.13
CA GLY A 451 -20.06 1.61 -17.54
C GLY A 451 -19.20 0.63 -18.30
N VAL A 452 -19.15 0.74 -19.63
CA VAL A 452 -18.32 -0.17 -20.42
C VAL A 452 -16.84 0.04 -20.11
N ALA A 453 -16.40 1.30 -20.14
CA ALA A 453 -15.00 1.58 -19.80
C ALA A 453 -14.67 1.15 -18.37
N THR A 454 -15.63 1.26 -17.46
CA THR A 454 -15.36 0.86 -16.08
C THR A 454 -15.10 -0.63 -15.99
N GLU A 455 -15.94 -1.43 -16.66
CA GLU A 455 -15.73 -2.87 -16.64
C GLU A 455 -14.40 -3.24 -17.25
N LYS A 456 -14.03 -2.59 -18.36
CA LYS A 456 -12.74 -2.88 -18.98
C LYS A 456 -11.58 -2.43 -18.10
N ALA A 457 -11.75 -1.32 -17.38
CA ALA A 457 -10.70 -0.86 -16.48
C ALA A 457 -10.49 -1.85 -15.34
N VAL A 458 -11.57 -2.39 -14.79
CA VAL A 458 -11.44 -3.40 -13.73
C VAL A 458 -10.66 -4.61 -14.24
N GLU A 459 -10.98 -5.07 -15.46
CA GLU A 459 -10.28 -6.22 -16.01
C GLU A 459 -8.81 -5.91 -16.26
N LEU A 460 -8.54 -4.74 -16.85
CA LEU A 460 -7.15 -4.35 -17.09
C LEU A 460 -6.38 -4.20 -15.80
N ALA A 461 -6.98 -3.54 -14.81
CA ALA A 461 -6.31 -3.31 -13.54
C ALA A 461 -5.91 -4.65 -12.91
N ALA A 462 -6.82 -5.62 -12.92
CA ALA A 462 -6.52 -6.91 -12.33
C ALA A 462 -5.26 -7.53 -12.93
N ASN A 463 -4.98 -7.24 -14.21
CA ASN A 463 -3.85 -7.86 -14.89
C ASN A 463 -2.65 -6.95 -15.02
N THR A 464 -2.65 -5.82 -14.33
CA THR A 464 -1.58 -4.84 -14.43
C THR A 464 -0.81 -4.78 -13.11
N LYS A 465 0.51 -4.88 -13.19
CA LYS A 465 1.35 -4.74 -12.01
C LYS A 465 1.38 -3.29 -11.52
N GLY A 466 1.71 -3.13 -10.24
CA GLY A 466 1.85 -1.81 -9.67
C GLY A 466 0.62 -1.38 -8.89
N ILE A 467 0.57 -0.08 -8.58
CA ILE A 467 -0.55 0.51 -7.86
C ILE A 467 -1.56 0.99 -8.89
N CYS A 468 -2.66 0.26 -9.04
CA CYS A 468 -3.70 0.66 -9.97
C CYS A 468 -4.78 1.43 -9.23
N PHE A 469 -5.18 2.57 -9.80
CA PHE A 469 -6.26 3.39 -9.24
C PHE A 469 -7.35 3.55 -10.30
N ILE A 470 -8.61 3.31 -9.90
CA ILE A 470 -9.77 3.55 -10.75
C ILE A 470 -10.62 4.61 -10.09
N ARG A 471 -10.83 5.73 -10.80
CA ARG A 471 -11.61 6.85 -10.29
C ARG A 471 -13.05 6.71 -10.77
N THR A 472 -13.98 6.48 -9.85
CA THR A 472 -15.38 6.35 -10.22
C THR A 472 -16.20 7.54 -9.73
N SER A 473 -17.40 7.66 -10.28
CA SER A 473 -18.20 8.87 -10.13
C SER A 473 -19.59 8.53 -9.62
N ARG A 474 -20.21 9.49 -8.97
CA ARG A 474 -21.54 9.30 -8.40
C ARG A 474 -22.69 9.44 -9.41
N PRO A 475 -22.69 10.44 -10.29
CA PRO A 475 -23.84 10.62 -11.18
C PRO A 475 -23.97 9.55 -12.25
N GLU A 476 -25.22 9.30 -12.64
CA GLU A 476 -25.49 8.36 -13.71
C GLU A 476 -25.29 9.06 -15.05
N ASN A 477 -24.38 8.54 -15.87
CA ASN A 477 -24.19 9.05 -17.21
C ASN A 477 -24.52 7.96 -18.22
N ALA A 478 -24.75 8.38 -19.46
CA ALA A 478 -25.12 7.47 -20.51
C ALA A 478 -23.95 6.58 -20.91
N ILE A 479 -24.27 5.35 -21.29
CA ILE A 479 -23.32 4.49 -21.97
C ILE A 479 -23.06 5.06 -23.35
N ILE A 480 -21.79 5.28 -23.68
CA ILE A 480 -21.42 5.82 -24.98
C ILE A 480 -20.66 4.83 -25.85
N TYR A 481 -20.08 3.79 -25.25
CA TYR A 481 -19.26 2.83 -25.98
C TYR A 481 -20.07 1.58 -26.29
N ASN A 482 -19.89 1.05 -27.50
CA ASN A 482 -20.32 -0.32 -27.78
C ASN A 482 -19.61 -1.27 -26.85
N ASN A 483 -20.31 -2.35 -26.48
N ASN A 483 -20.29 -2.35 -26.45
CA ASN A 483 -19.79 -3.31 -25.51
CA ASN A 483 -19.69 -3.22 -25.45
C ASN A 483 -18.51 -3.99 -26.00
C ASN A 483 -18.58 -4.10 -26.00
N ASN A 484 -18.35 -4.11 -27.31
CA ASN A 484 -17.20 -4.79 -27.90
C ASN A 484 -16.04 -3.84 -28.20
N GLU A 485 -16.08 -2.61 -27.67
CA GLU A 485 -14.98 -1.69 -27.86
C GLU A 485 -13.74 -2.18 -27.11
N ASP A 486 -12.59 -2.13 -27.78
CA ASP A 486 -11.34 -2.60 -27.19
C ASP A 486 -10.66 -1.46 -26.43
N PHE A 487 -10.29 -1.72 -25.18
CA PHE A 487 -9.62 -0.76 -24.32
C PHE A 487 -8.26 -1.29 -23.91
N GLN A 488 -7.29 -0.39 -23.80
CA GLN A 488 -5.93 -0.76 -23.39
C GLN A 488 -5.35 0.38 -22.56
N VAL A 489 -4.45 0.01 -21.65
CA VAL A 489 -3.75 1.00 -20.85
C VAL A 489 -2.92 1.88 -21.78
N GLY A 490 -3.03 3.20 -21.57
CA GLY A 490 -2.30 4.13 -22.41
C GLY A 490 -2.95 4.45 -23.74
N GLN A 491 -4.16 3.96 -24.00
CA GLN A 491 -4.84 4.20 -25.26
C GLN A 491 -6.10 5.03 -24.99
N ALA A 492 -6.15 6.22 -25.57
CA ALA A 492 -7.31 7.10 -25.47
C ALA A 492 -8.32 6.77 -26.58
N LYS A 493 -9.49 7.42 -26.49
CA LYS A 493 -10.56 7.23 -27.45
C LYS A 493 -11.05 8.58 -27.93
N VAL A 494 -11.16 8.75 -29.25
CA VAL A 494 -11.84 9.90 -29.82
C VAL A 494 -13.31 9.53 -29.96
N VAL A 495 -14.16 10.19 -29.16
CA VAL A 495 -15.59 9.87 -29.13
C VAL A 495 -16.42 10.79 -30.02
N LEU A 496 -15.84 11.84 -30.58
CA LEU A 496 -16.54 12.70 -31.53
C LEU A 496 -15.51 13.41 -32.38
N LYS A 497 -15.69 13.38 -33.70
CA LYS A 497 -14.76 14.06 -34.58
C LYS A 497 -15.44 14.36 -35.91
N SER A 498 -14.97 15.44 -36.54
CA SER A 498 -15.36 15.78 -37.90
C SER A 498 -14.13 16.31 -38.61
N LYS A 499 -14.28 16.64 -39.88
CA LYS A 499 -13.17 17.18 -40.64
C LYS A 499 -12.90 18.65 -40.31
N ASP A 500 -13.89 19.36 -39.81
CA ASP A 500 -13.80 20.79 -39.54
C ASP A 500 -13.79 21.09 -38.04
N ASP A 501 -13.13 20.22 -37.27
CA ASP A 501 -13.03 20.43 -35.83
C ASP A 501 -12.03 21.54 -35.55
N GLN A 502 -12.40 22.44 -34.62
CA GLN A 502 -11.59 23.62 -34.32
C GLN A 502 -10.83 23.55 -33.02
N VAL A 503 -11.15 22.60 -32.14
CA VAL A 503 -10.39 22.38 -30.92
C VAL A 503 -10.61 20.95 -30.50
N THR A 504 -9.58 20.34 -29.91
CA THR A 504 -9.72 19.03 -29.28
C THR A 504 -10.02 19.25 -27.80
N VAL A 505 -11.17 18.77 -27.36
CA VAL A 505 -11.57 18.90 -25.96
C VAL A 505 -11.33 17.55 -25.29
N ILE A 506 -10.53 17.55 -24.23
CA ILE A 506 -10.23 16.36 -23.46
C ILE A 506 -11.01 16.44 -22.16
N GLY A 507 -11.92 15.49 -21.95
CA GLY A 507 -12.65 15.37 -20.71
C GLY A 507 -12.63 13.93 -20.23
N ALA A 508 -13.11 13.73 -19.01
CA ALA A 508 -13.16 12.40 -18.42
C ALA A 508 -14.28 12.35 -17.40
N GLY A 509 -14.90 11.18 -17.28
CA GLY A 509 -16.01 11.07 -16.34
C GLY A 509 -17.09 12.08 -16.68
N VAL A 510 -17.56 12.80 -15.65
CA VAL A 510 -18.66 13.75 -15.86
C VAL A 510 -18.28 14.84 -16.85
N THR A 511 -17.00 15.27 -16.89
CA THR A 511 -16.67 16.32 -17.84
C THR A 511 -16.58 15.83 -19.27
N LEU A 512 -16.41 14.52 -19.51
CA LEU A 512 -16.53 14.02 -20.87
C LEU A 512 -17.96 14.18 -21.37
N HIS A 513 -18.94 13.90 -20.52
CA HIS A 513 -20.34 14.05 -20.91
C HIS A 513 -20.74 15.51 -21.00
N GLU A 514 -20.13 16.37 -20.18
CA GLU A 514 -20.33 17.80 -20.35
C GLU A 514 -19.74 18.27 -21.67
N ALA A 515 -18.60 17.72 -22.07
CA ALA A 515 -17.99 18.10 -23.35
C ALA A 515 -18.88 17.69 -24.51
N LEU A 516 -19.45 16.48 -24.45
CA LEU A 516 -20.34 16.05 -25.51
C LEU A 516 -21.59 16.91 -25.58
N ALA A 517 -22.11 17.33 -24.42
CA ALA A 517 -23.23 18.26 -24.42
C ALA A 517 -22.82 19.62 -24.96
N ALA A 518 -21.59 20.06 -24.66
CA ALA A 518 -21.09 21.32 -25.20
C ALA A 518 -20.96 21.25 -26.72
N ALA A 519 -20.55 20.10 -27.25
CA ALA A 519 -20.47 19.93 -28.68
C ALA A 519 -21.83 20.09 -29.34
N GLU A 520 -22.90 19.69 -28.65
CA GLU A 520 -24.24 19.85 -29.19
C GLU A 520 -24.68 21.30 -29.18
N LEU A 521 -24.34 22.02 -28.10
CA LEU A 521 -24.58 23.47 -28.06
C LEU A 521 -23.85 24.17 -29.20
N LEU A 522 -22.59 23.78 -29.45
CA LEU A 522 -21.79 24.43 -30.47
C LEU A 522 -22.24 24.06 -31.88
N LYS A 523 -22.85 22.89 -32.06
CA LYS A 523 -23.36 22.51 -33.37
C LYS A 523 -24.38 23.52 -33.88
N LYS A 524 -25.19 24.08 -32.98
CA LYS A 524 -26.15 25.10 -33.38
C LYS A 524 -25.47 26.32 -34.00
N GLU A 525 -24.23 26.61 -33.58
CA GLU A 525 -23.47 27.74 -34.08
C GLU A 525 -22.48 27.34 -35.18
N LYS A 526 -22.64 26.15 -35.75
CA LYS A 526 -21.75 25.65 -36.81
C LYS A 526 -20.30 25.54 -36.36
N ILE A 527 -20.08 25.22 -35.07
CA ILE A 527 -18.75 25.01 -34.51
C ILE A 527 -18.61 23.54 -34.15
N ASN A 528 -17.61 22.88 -34.72
CA ASN A 528 -17.33 21.48 -34.45
C ASN A 528 -16.10 21.34 -33.58
N ILE A 529 -16.18 20.45 -32.58
CA ILE A 529 -15.05 20.15 -31.71
C ILE A 529 -14.81 18.66 -31.69
N ARG A 530 -13.55 18.29 -31.56
CA ARG A 530 -13.16 16.89 -31.37
C ARG A 530 -13.13 16.61 -29.87
N VAL A 531 -13.77 15.52 -29.45
CA VAL A 531 -13.84 15.17 -28.03
C VAL A 531 -13.05 13.88 -27.81
N LEU A 532 -12.12 13.92 -26.85
CA LEU A 532 -11.20 12.83 -26.58
C LEU A 532 -11.36 12.39 -25.13
N ASP A 533 -11.50 11.08 -24.92
CA ASP A 533 -11.63 10.46 -23.60
C ASP A 533 -10.31 9.76 -23.30
N PRO A 534 -9.53 10.19 -22.30
CA PRO A 534 -8.17 9.64 -22.16
C PRO A 534 -8.13 8.19 -21.70
N PHE A 535 -9.16 7.73 -20.97
CA PHE A 535 -9.24 6.40 -20.40
C PHE A 535 -8.25 6.18 -19.27
N THR A 536 -6.94 6.21 -19.56
CA THR A 536 -5.92 6.29 -18.51
C THR A 536 -5.33 7.70 -18.48
N ILE A 537 -5.29 8.29 -17.29
CA ILE A 537 -4.61 9.56 -17.11
C ILE A 537 -3.11 9.33 -17.01
N LYS A 538 -2.70 8.17 -16.50
CA LYS A 538 -1.31 7.76 -16.40
C LYS A 538 -1.27 6.27 -16.72
N PRO A 539 -0.60 5.87 -17.80
CA PRO A 539 0.08 6.75 -18.76
C PRO A 539 -0.89 7.41 -19.74
N LEU A 540 -0.54 8.59 -20.25
CA LEU A 540 -1.34 9.32 -21.20
C LEU A 540 -1.04 8.86 -22.62
N ASP A 541 -2.07 8.85 -23.47
CA ASP A 541 -1.90 8.54 -24.89
C ASP A 541 -1.42 9.81 -25.60
N ARG A 542 -0.13 10.08 -25.44
CA ARG A 542 0.46 11.30 -26.00
C ARG A 542 0.31 11.35 -27.52
N LYS A 543 0.44 10.20 -28.19
CA LYS A 543 0.38 10.19 -29.65
C LYS A 543 -1.00 10.59 -30.15
N LEU A 544 -2.05 9.99 -29.59
CA LEU A 544 -3.41 10.32 -30.04
C LEU A 544 -3.78 11.76 -29.69
N ILE A 545 -3.29 12.25 -28.53
CA ILE A 545 -3.56 13.64 -28.16
C ILE A 545 -2.92 14.59 -29.18
N LEU A 546 -1.66 14.33 -29.55
CA LEU A 546 -0.97 15.19 -30.50
C LEU A 546 -1.59 15.13 -31.89
N ASP A 547 -1.94 13.91 -32.35
CA ASP A 547 -2.56 13.79 -33.67
C ASP A 547 -3.92 14.47 -33.71
N SER A 548 -4.67 14.39 -32.60
CA SER A 548 -5.92 15.12 -32.51
C SER A 548 -5.68 16.62 -32.56
N ALA A 549 -4.71 17.10 -31.77
CA ALA A 549 -4.41 18.53 -31.74
C ALA A 549 -4.01 19.04 -33.11
N ARG A 550 -3.13 18.32 -33.81
CA ARG A 550 -2.70 18.76 -35.13
C ARG A 550 -3.85 18.78 -36.13
N ALA A 551 -4.90 18.00 -35.88
CA ALA A 551 -6.10 18.03 -36.72
C ALA A 551 -7.05 19.16 -36.35
N THR A 552 -6.87 19.78 -35.18
CA THR A 552 -7.76 20.85 -34.74
C THR A 552 -6.99 22.13 -34.50
N LYS A 553 -6.23 22.58 -35.50
CA LYS A 553 -5.46 23.83 -35.44
C LYS A 553 -4.49 23.88 -34.26
N GLY A 554 -4.08 22.73 -33.74
CA GLY A 554 -3.13 22.69 -32.64
C GLY A 554 -3.71 23.01 -31.28
N ARG A 555 -5.02 23.21 -31.17
CA ARG A 555 -5.65 23.67 -29.93
C ARG A 555 -6.17 22.49 -29.12
N ILE A 556 -5.81 22.46 -27.85
CA ILE A 556 -6.30 21.49 -26.88
C ILE A 556 -6.97 22.24 -25.74
N LEU A 557 -8.17 21.80 -25.35
CA LEU A 557 -8.82 22.26 -24.13
C LEU A 557 -9.03 21.06 -23.24
N THR A 558 -8.56 21.15 -22.00
N THR A 558 -8.51 21.13 -22.01
CA THR A 558 -8.75 20.09 -21.01
CA THR A 558 -8.77 20.09 -21.01
C THR A 558 -9.74 20.57 -19.95
C THR A 558 -9.80 20.59 -20.03
N VAL A 559 -10.67 19.69 -19.57
CA VAL A 559 -11.69 20.02 -18.59
C VAL A 559 -11.84 18.86 -17.61
N GLU A 560 -11.73 19.14 -16.33
CA GLU A 560 -11.66 18.07 -15.34
C GLU A 560 -12.31 18.49 -14.03
N ASP A 561 -12.91 17.50 -13.37
CA ASP A 561 -13.51 17.68 -12.05
C ASP A 561 -12.44 17.33 -11.01
N HIS A 562 -11.50 18.26 -10.84
CA HIS A 562 -10.28 18.07 -10.07
C HIS A 562 -9.67 19.46 -9.94
N TYR A 563 -8.80 19.64 -8.94
CA TYR A 563 -8.07 20.89 -8.83
C TYR A 563 -7.09 21.05 -10.00
N TYR A 564 -6.58 22.27 -10.16
CA TYR A 564 -5.72 22.55 -11.31
C TYR A 564 -4.39 21.79 -11.24
N GLU A 565 -3.84 21.62 -10.04
CA GLU A 565 -2.49 21.08 -9.90
C GLU A 565 -2.52 19.56 -9.89
N GLY A 566 -1.65 18.96 -10.71
CA GLY A 566 -1.43 17.53 -10.71
C GLY A 566 -2.46 16.69 -11.43
N GLY A 567 -3.44 17.31 -12.08
CA GLY A 567 -4.53 16.59 -12.71
C GLY A 567 -4.35 16.38 -14.20
N ILE A 568 -5.48 16.24 -14.89
CA ILE A 568 -5.45 15.92 -16.32
C ILE A 568 -4.79 17.04 -17.10
N GLY A 569 -5.16 18.29 -16.78
CA GLY A 569 -4.60 19.42 -17.51
C GLY A 569 -3.09 19.52 -17.39
N GLU A 570 -2.56 19.33 -16.18
CA GLU A 570 -1.11 19.36 -16.02
C GLU A 570 -0.43 18.16 -16.69
N ALA A 571 -1.07 16.99 -16.64
CA ALA A 571 -0.51 15.83 -17.34
C ALA A 571 -0.43 16.08 -18.84
N VAL A 572 -1.47 16.66 -19.43
CA VAL A 572 -1.47 16.95 -20.86
C VAL A 572 -0.44 18.03 -21.20
N SER A 573 -0.38 19.08 -20.37
CA SER A 573 0.57 20.17 -20.65
C SER A 573 2.01 19.68 -20.60
N SER A 574 2.35 18.86 -19.61
N SER A 574 2.35 18.87 -19.59
CA SER A 574 3.74 18.37 -19.51
CA SER A 574 3.72 18.37 -19.50
C SER A 574 4.06 17.42 -20.65
C SER A 574 4.06 17.47 -20.68
N ALA A 575 3.06 16.76 -21.22
CA ALA A 575 3.31 15.83 -22.32
C ALA A 575 3.58 16.55 -23.63
N VAL A 576 2.97 17.72 -23.85
CA VAL A 576 3.00 18.37 -25.15
C VAL A 576 3.75 19.70 -25.16
N VAL A 577 4.24 20.17 -24.02
CA VAL A 577 4.92 21.46 -23.99
C VAL A 577 6.14 21.42 -24.92
N GLY A 578 6.33 22.50 -25.67
CA GLY A 578 7.40 22.58 -26.64
C GLY A 578 7.01 22.16 -28.05
N GLU A 579 5.94 21.38 -28.21
CA GLU A 579 5.54 20.93 -29.54
C GLU A 579 5.04 22.11 -30.37
N PRO A 580 5.56 22.32 -31.57
CA PRO A 580 5.25 23.55 -32.31
C PRO A 580 3.77 23.63 -32.69
N GLY A 581 3.22 24.83 -32.56
CA GLY A 581 1.83 25.07 -32.88
C GLY A 581 0.82 24.49 -31.90
N ILE A 582 1.26 23.78 -30.88
CA ILE A 582 0.35 23.16 -29.92
C ILE A 582 0.13 24.10 -28.75
N THR A 583 -1.14 24.35 -28.42
CA THR A 583 -1.51 25.13 -27.26
C THR A 583 -2.47 24.33 -26.41
N VAL A 584 -2.43 24.54 -25.09
CA VAL A 584 -3.31 23.85 -24.15
C VAL A 584 -3.97 24.90 -23.25
N THR A 585 -5.30 24.81 -23.13
CA THR A 585 -6.10 25.65 -22.24
C THR A 585 -6.79 24.72 -21.24
N HIS A 586 -6.88 25.14 -19.98
CA HIS A 586 -7.37 24.27 -18.91
C HIS A 586 -8.62 24.84 -18.25
N LEU A 587 -9.60 23.97 -18.03
CA LEU A 587 -10.72 24.23 -17.13
C LEU A 587 -10.68 23.22 -15.99
N ALA A 588 -10.69 23.71 -14.76
CA ALA A 588 -10.64 22.85 -13.58
C ALA A 588 -11.31 23.58 -12.41
N VAL A 589 -11.25 22.98 -11.23
CA VAL A 589 -11.86 23.56 -10.04
C VAL A 589 -10.82 24.41 -9.32
N ASN A 590 -11.12 25.68 -9.10
CA ASN A 590 -10.08 26.63 -8.69
C ASN A 590 -9.98 26.86 -7.18
N ARG A 591 -10.84 26.25 -6.36
CA ARG A 591 -10.88 26.54 -4.93
C ARG A 591 -11.75 25.48 -4.26
N VAL A 592 -11.68 25.44 -2.92
CA VAL A 592 -12.51 24.52 -2.14
C VAL A 592 -13.98 24.75 -2.50
N PRO A 593 -14.71 23.71 -2.90
CA PRO A 593 -16.13 23.91 -3.25
C PRO A 593 -17.07 24.00 -2.05
N ARG A 594 -18.35 23.71 -2.30
CA ARG A 594 -19.43 23.95 -1.36
C ARG A 594 -20.59 23.05 -1.78
N SER A 595 -21.67 23.05 -0.99
CA SER A 595 -22.80 22.19 -1.26
C SER A 595 -23.74 22.77 -2.32
N GLY A 596 -24.29 21.89 -3.14
CA GLY A 596 -25.29 22.27 -4.12
C GLY A 596 -25.61 21.07 -4.97
N LYS A 597 -26.55 21.25 -5.89
CA LYS A 597 -26.85 20.16 -6.80
C LYS A 597 -25.65 19.92 -7.72
N PRO A 598 -25.45 18.67 -8.17
CA PRO A 598 -24.33 18.38 -9.09
C PRO A 598 -24.21 19.36 -10.24
N ALA A 599 -25.30 19.60 -10.99
CA ALA A 599 -25.22 20.50 -12.13
C ALA A 599 -24.92 21.93 -11.71
N GLU A 600 -25.45 22.36 -10.55
CA GLU A 600 -25.16 23.70 -10.06
C GLU A 600 -23.68 23.89 -9.74
N LEU A 601 -23.06 22.85 -9.18
CA LEU A 601 -21.63 22.96 -8.83
C LEU A 601 -20.76 22.88 -10.06
N LEU A 602 -21.10 22.03 -11.03
CA LEU A 602 -20.35 22.02 -12.29
C LEU A 602 -20.38 23.39 -12.93
N LYS A 603 -21.51 24.08 -12.85
CA LYS A 603 -21.60 25.43 -13.40
C LYS A 603 -20.80 26.44 -12.56
N MET A 604 -20.98 26.39 -11.24
CA MET A 604 -20.28 27.34 -10.36
C MET A 604 -18.77 27.25 -10.52
N PHE A 605 -18.24 26.05 -10.71
CA PHE A 605 -16.79 25.87 -10.77
C PHE A 605 -16.27 25.76 -12.19
N GLY A 606 -17.09 26.07 -13.19
CA GLY A 606 -16.58 26.34 -14.51
C GLY A 606 -16.17 25.13 -15.31
N ILE A 607 -16.83 24.00 -15.11
CA ILE A 607 -16.43 22.78 -15.82
C ILE A 607 -17.62 22.10 -16.47
N ASP A 608 -18.71 22.82 -16.66
CA ASP A 608 -19.91 22.27 -17.29
C ASP A 608 -19.94 22.61 -18.78
N ARG A 609 -20.99 22.13 -19.45
CA ARG A 609 -21.08 22.27 -20.90
C ARG A 609 -21.03 23.73 -21.34
N ASP A 610 -21.62 24.64 -20.55
CA ASP A 610 -21.62 26.04 -20.95
C ASP A 610 -20.23 26.67 -20.81
N ALA A 611 -19.50 26.30 -19.75
CA ALA A 611 -18.13 26.78 -19.61
C ALA A 611 -17.23 26.24 -20.72
N ILE A 612 -17.42 24.98 -21.10
CA ILE A 612 -16.64 24.41 -22.19
C ILE A 612 -16.94 25.12 -23.49
N ALA A 613 -18.22 25.38 -23.77
CA ALA A 613 -18.58 26.07 -25.01
C ALA A 613 -18.00 27.46 -25.05
N GLN A 614 -18.02 28.18 -23.92
CA GLN A 614 -17.46 29.53 -23.91
C GLN A 614 -15.95 29.51 -24.11
N ALA A 615 -15.27 28.52 -23.53
CA ALA A 615 -13.83 28.41 -23.74
C ALA A 615 -13.50 28.07 -25.19
N VAL A 616 -14.29 27.21 -25.82
CA VAL A 616 -14.08 26.87 -27.22
C VAL A 616 -14.21 28.11 -28.10
N ARG A 617 -15.27 28.90 -27.89
CA ARG A 617 -15.45 30.12 -28.67
C ARG A 617 -14.28 31.07 -28.47
N GLY A 618 -13.77 31.19 -27.25
CA GLY A 618 -12.65 32.07 -27.00
C GLY A 618 -11.39 31.63 -27.72
N LEU A 619 -11.17 30.32 -27.83
CA LEU A 619 -9.99 29.81 -28.51
C LEU A 619 -10.04 30.12 -30.00
N ILE A 620 -11.23 30.02 -30.61
CA ILE A 620 -11.35 30.30 -32.04
C ILE A 620 -11.12 31.79 -32.31
N THR A 621 -11.62 32.66 -31.44
CA THR A 621 -11.45 34.09 -31.61
C THR A 621 -10.26 34.60 -30.81
CA CA B . 12.12 2.82 21.31
N1' TPP C . 7.53 9.20 11.37
C2' TPP C . 7.38 8.07 10.67
CM2 TPP C . 6.01 7.70 10.21
N3' TPP C . 8.37 7.21 10.35
C4' TPP C . 9.61 7.52 10.74
N4' TPP C . 10.58 6.67 10.39
C5' TPP C . 9.88 8.71 11.49
C6' TPP C . 8.78 9.49 11.77
C7' TPP C . 11.27 9.10 11.95
N3 TPP C . 11.88 8.08 12.84
C2 TPP C . 12.61 7.06 12.41
S1 TPP C . 13.08 6.04 13.66
C5 TPP C . 12.27 7.05 14.80
C4 TPP C . 11.64 8.07 14.21
CM4 TPP C . 10.84 9.16 14.85
C6 TPP C . 12.23 6.65 16.24
C7 TPP C . 11.81 5.22 16.39
O7 TPP C . 11.54 4.93 17.78
PA TPP C . 11.03 3.54 18.28
O1A TPP C . 10.91 3.66 19.74
O2A TPP C . 9.80 3.12 17.49
O3A TPP C . 12.22 2.58 17.88
PB TPP C . 13.63 2.13 18.46
O1B TPP C . 14.69 2.60 17.51
O2B TPP C . 13.50 0.62 18.59
O3B TPP C . 13.71 2.79 19.81
P PO3 D . 19.82 12.47 10.23
O1 PO3 D . 21.33 12.49 10.27
O2 PO3 D . 19.35 12.52 8.79
O3 PO3 D . 19.32 13.67 11.01
C1 EDO E . 10.27 -14.36 6.77
O1 EDO E . 9.22 -13.51 6.27
C2 EDO E . 10.55 -15.49 5.77
O2 EDO E . 9.31 -16.03 5.26
C1 EDO F . -1.44 6.57 19.79
O1 EDO F . -0.64 7.77 19.96
C2 EDO F . -1.25 5.61 20.96
O2 EDO F . 0.12 5.50 21.36
C1 EDO G . 23.12 -25.91 20.07
O1 EDO G . 23.95 -26.78 20.83
C2 EDO G . 22.79 -26.54 18.72
O2 EDO G . 23.93 -26.50 17.86
C1 EDO H . -11.55 29.41 -13.07
O1 EDO H . -11.42 28.06 -12.60
C2 EDO H . -12.85 29.59 -13.85
O2 EDO H . -12.84 28.80 -15.05
C1 EDO I . 11.81 -8.43 7.40
O1 EDO I . 11.28 -9.70 7.01
C2 EDO I . 11.30 -7.35 6.47
O2 EDO I . 10.11 -6.81 7.04
#